data_6O5F
#
_entry.id   6O5F
#
_cell.length_a   66.102
_cell.length_b   66.102
_cell.length_c   230.463
_cell.angle_alpha   90.00
_cell.angle_beta   90.00
_cell.angle_gamma   120.00
#
_symmetry.space_group_name_H-M   'P 31'
#
loop_
_entity.id
_entity.type
_entity.pdbx_description
1 polymer 'ATP-dependent RNA helicase DDX3X'
2 polymer "RNA (5'-R(P*CP*AP*AP*GP*GP*UP*CP*AP*UP*UP*CP*GP*CP*AP*AP*GP*AP*GP*UP*GP*GP*CP*C)-3')"
3 non-polymer 'CHLORIDE ION'
4 water water
#
loop_
_entity_poly.entity_id
_entity_poly.type
_entity_poly.pdbx_seq_one_letter_code
_entity_poly.pdbx_strand_id
1 'polypeptide(L)'
;DEDDWSKPLPPSERLEQELFSGGNTGINFEKYDDIPVEATGNNCPPHIESFSDVEMGEIIMGNIELTRYTRPTPVQKHAI
PIIKEKRDLMACAQTGSGKTAAFLLPILSQIYSDGPGEALRAMKENGRYGRRKQYPISLVLAPTRELAVQIYEEARKFSY
RSRVRPCVVYGGADIGQQIRDLERGCHLLVATPGRLVDMMERGKIGLDFCKYLVLDEADRMLDMGFEPQIRRIVEQDTMP
PKGVRHTMMFSATFPKEIQMLARDFLDEYIFLAVGRVGSTSENITQKVVWVEESDKRSFLLDLLNATGKDSLTLVFVETK
KGADSLEDFLYHEGYACTSIHGDRSQRDREEALHQFRSGKSPILVATAVAARGLDISNVKHVINFDLPSDIEEYVHRIGR
TGRVGNLGLATSFFNERNINITKDLLDLLVEAKQEVPSWLENMAYEHHYKGSSRGRSKSSRFSGGFGARDYRQSSG
;
A,B
2 'polyribonucleotide' CAAGGUCAUUCGCAAGAGUGGCCUUGCG C,D
#
loop_
_chem_comp.id
_chem_comp.type
_chem_comp.name
_chem_comp.formula
A RNA linking ADENOSINE-5'-MONOPHOSPHATE 'C10 H14 N5 O7 P'
C RNA linking CYTIDINE-5'-MONOPHOSPHATE 'C9 H14 N3 O8 P'
CL non-polymer 'CHLORIDE ION' 'Cl -1'
G RNA linking GUANOSINE-5'-MONOPHOSPHATE 'C10 H14 N5 O8 P'
U RNA linking URIDINE-5'-MONOPHOSPHATE 'C9 H13 N2 O9 P'
#
# COMPACT_ATOMS: atom_id res chain seq x y z
N ASP A 3 -12.77 6.73 -24.50
CA ASP A 3 -11.41 6.97 -24.97
C ASP A 3 -10.50 7.47 -23.85
N ASP A 4 -10.96 7.34 -22.60
CA ASP A 4 -10.09 7.60 -21.45
C ASP A 4 -9.15 6.42 -21.29
N TRP A 5 -7.86 6.70 -21.28
CA TRP A 5 -6.84 5.65 -21.16
C TRP A 5 -6.31 5.51 -19.75
N SER A 6 -6.72 6.36 -18.82
CA SER A 6 -6.40 6.19 -17.41
C SER A 6 -7.36 5.24 -16.70
N LYS A 7 -8.51 4.93 -17.31
CA LYS A 7 -9.52 4.06 -16.73
C LYS A 7 -9.19 2.60 -17.01
N PRO A 8 -9.10 1.75 -15.98
CA PRO A 8 -8.76 0.35 -16.21
C PRO A 8 -9.91 -0.43 -16.81
N LEU A 9 -9.56 -1.40 -17.66
CA LEU A 9 -10.52 -2.28 -18.29
C LEU A 9 -11.03 -3.29 -17.27
N PRO A 10 -12.11 -4.01 -17.59
CA PRO A 10 -12.55 -5.11 -16.74
C PRO A 10 -11.44 -6.14 -16.57
N PRO A 11 -11.33 -6.76 -15.40
CA PRO A 11 -10.29 -7.76 -15.18
C PRO A 11 -10.46 -8.97 -16.09
N SER A 12 -9.47 -9.86 -16.04
CA SER A 12 -9.51 -11.12 -16.75
C SER A 12 -8.66 -12.13 -15.99
N GLU A 13 -9.30 -13.20 -15.51
CA GLU A 13 -8.67 -14.14 -14.61
C GLU A 13 -7.60 -14.96 -15.33
N ARG A 14 -7.96 -15.49 -16.50
CA ARG A 14 -7.01 -16.23 -17.33
C ARG A 14 -5.76 -15.41 -17.62
N LEU A 15 -5.97 -14.20 -18.15
CA LEU A 15 -4.84 -13.32 -18.49
C LEU A 15 -3.95 -13.07 -17.28
N GLU A 16 -4.56 -12.94 -16.10
CA GLU A 16 -3.81 -12.58 -14.90
C GLU A 16 -2.69 -13.58 -14.62
N GLN A 17 -3.04 -14.86 -14.49
CA GLN A 17 -2.01 -15.82 -14.14
C GLN A 17 -1.13 -16.21 -15.32
N GLU A 18 -1.56 -15.89 -16.55
CA GLU A 18 -0.63 -15.88 -17.68
C GLU A 18 0.51 -14.92 -17.42
N LEU A 19 0.18 -13.68 -17.03
CA LEU A 19 1.18 -12.64 -16.87
C LEU A 19 1.88 -12.71 -15.51
N PHE A 20 1.11 -12.94 -14.44
CA PHE A 20 1.67 -12.96 -13.10
C PHE A 20 1.60 -14.36 -12.50
N LYS A 31 23.02 -5.02 -10.26
CA LYS A 31 22.75 -5.89 -9.13
C LYS A 31 23.11 -5.15 -7.85
N TYR A 32 24.12 -5.65 -7.15
CA TYR A 32 24.78 -4.90 -6.10
C TYR A 32 25.95 -4.09 -6.62
N ASP A 33 26.46 -4.42 -7.82
CA ASP A 33 27.47 -3.60 -8.47
C ASP A 33 26.93 -2.24 -8.89
N ASP A 34 25.61 -2.09 -8.98
CA ASP A 34 24.98 -0.93 -9.60
C ASP A 34 24.55 0.13 -8.59
N ILE A 35 24.83 -0.07 -7.32
CA ILE A 35 24.28 0.82 -6.30
C ILE A 35 25.09 2.10 -6.10
N PRO A 36 26.44 2.17 -6.29
CA PRO A 36 27.04 3.51 -6.40
C PRO A 36 26.59 4.15 -7.70
N VAL A 37 25.64 5.08 -7.61
CA VAL A 37 24.96 5.61 -8.79
C VAL A 37 24.83 7.12 -8.65
N GLU A 38 25.16 7.84 -9.72
CA GLU A 38 25.14 9.30 -9.71
C GLU A 38 24.56 9.81 -11.02
N ALA A 39 23.67 10.78 -10.93
CA ALA A 39 23.10 11.46 -12.08
C ALA A 39 23.50 12.92 -12.04
N THR A 40 23.97 13.44 -13.18
CA THR A 40 24.44 14.81 -13.26
C THR A 40 23.91 15.47 -14.51
N GLY A 41 23.46 16.71 -14.36
CA GLY A 41 22.88 17.46 -15.45
C GLY A 41 22.24 18.73 -14.94
N ASN A 42 21.59 19.45 -15.85
CA ASN A 42 20.94 20.70 -15.50
C ASN A 42 19.59 20.41 -14.85
N ASN A 43 19.41 20.95 -13.64
CA ASN A 43 18.26 20.70 -12.77
C ASN A 43 17.84 19.23 -12.81
N CYS A 44 18.77 18.34 -12.49
CA CYS A 44 18.49 16.93 -12.42
C CYS A 44 17.46 16.65 -11.34
N PRO A 45 16.34 15.99 -11.64
CA PRO A 45 15.35 15.68 -10.61
C PRO A 45 15.90 14.70 -9.59
N PRO A 46 15.60 14.91 -8.30
CA PRO A 46 16.16 14.03 -7.26
C PRO A 46 15.58 12.62 -7.33
N HIS A 47 16.39 11.67 -6.87
CA HIS A 47 16.02 10.26 -6.93
C HIS A 47 15.02 9.90 -5.84
N ILE A 48 14.20 8.90 -6.14
CA ILE A 48 13.12 8.48 -5.25
C ILE A 48 13.57 7.24 -4.48
N GLU A 49 12.85 6.93 -3.41
CA GLU A 49 13.10 5.74 -2.62
C GLU A 49 12.05 4.64 -2.83
N SER A 50 10.91 4.98 -3.44
CA SER A 50 9.84 4.03 -3.63
C SER A 50 9.07 4.42 -4.89
N PHE A 51 8.39 3.43 -5.48
CA PHE A 51 7.51 3.72 -6.60
C PHE A 51 6.38 4.67 -6.19
N SER A 52 6.10 4.78 -4.89
CA SER A 52 5.00 5.62 -4.44
C SER A 52 5.31 7.10 -4.55
N ASP A 53 6.60 7.48 -4.51
CA ASP A 53 6.95 8.89 -4.48
C ASP A 53 6.73 9.60 -5.80
N VAL A 54 6.50 8.87 -6.89
CA VAL A 54 5.99 9.43 -8.13
C VAL A 54 4.62 8.84 -8.37
N GLU A 55 3.69 9.68 -8.84
CA GLU A 55 2.30 9.28 -9.02
C GLU A 55 2.10 8.84 -10.47
N MET A 56 2.13 7.53 -10.68
CA MET A 56 2.02 6.96 -12.01
C MET A 56 0.62 6.44 -12.33
N GLY A 57 -0.35 6.71 -11.46
CA GLY A 57 -1.74 6.44 -11.77
C GLY A 57 -2.23 5.08 -11.34
N GLU A 58 -3.53 4.88 -11.57
CA GLU A 58 -4.20 3.67 -11.12
C GLU A 58 -3.62 2.43 -11.79
N ILE A 59 -3.60 2.41 -13.12
CA ILE A 59 -3.22 1.20 -13.85
C ILE A 59 -1.80 0.79 -13.51
N ILE A 60 -0.87 1.74 -13.55
CA ILE A 60 0.53 1.41 -13.29
C ILE A 60 0.70 0.92 -11.86
N MET A 61 0.23 1.71 -10.88
CA MET A 61 0.34 1.29 -9.49
C MET A 61 -0.37 -0.04 -9.26
N GLY A 62 -1.50 -0.25 -9.92
CA GLY A 62 -2.16 -1.54 -9.91
C GLY A 62 -1.21 -2.64 -10.34
N ASN A 63 -0.73 -2.59 -11.57
CA ASN A 63 0.08 -3.68 -12.11
C ASN A 63 1.40 -3.87 -11.36
N ILE A 64 1.90 -2.84 -10.67
CA ILE A 64 3.08 -3.04 -9.82
C ILE A 64 2.73 -3.97 -8.67
N GLU A 65 1.56 -3.78 -8.06
CA GLU A 65 1.02 -4.73 -7.09
C GLU A 65 1.03 -6.15 -7.64
N LEU A 66 0.54 -6.33 -8.87
CA LEU A 66 0.30 -7.65 -9.42
C LEU A 66 1.59 -8.38 -9.75
N THR A 67 2.64 -7.64 -10.13
CA THR A 67 3.95 -8.25 -10.31
C THR A 67 4.67 -8.46 -8.99
N ARG A 68 4.21 -7.76 -7.96
CA ARG A 68 4.83 -7.89 -6.63
C ARG A 68 6.16 -7.14 -6.58
N TYR A 69 6.43 -6.28 -7.56
CA TYR A 69 7.68 -5.48 -7.44
C TYR A 69 7.59 -4.77 -6.10
N THR A 70 8.57 -4.95 -5.23
CA THR A 70 8.49 -4.25 -3.93
C THR A 70 9.17 -2.88 -3.91
N ARG A 71 10.48 -2.86 -4.16
CA ARG A 71 11.25 -1.60 -4.08
C ARG A 71 11.96 -1.41 -5.41
N PRO A 72 12.36 -0.16 -5.72
CA PRO A 72 13.03 0.20 -6.96
C PRO A 72 14.51 -0.13 -6.88
N THR A 73 15.02 -0.71 -7.96
CA THR A 73 16.45 -0.95 -8.07
C THR A 73 17.18 0.39 -8.14
N PRO A 74 18.47 0.41 -7.76
CA PRO A 74 19.22 1.67 -7.80
C PRO A 74 19.07 2.47 -9.09
N VAL A 75 19.09 1.80 -10.25
CA VAL A 75 18.90 2.50 -11.51
C VAL A 75 17.49 3.06 -11.60
N GLN A 76 16.50 2.29 -11.13
CA GLN A 76 15.12 2.75 -11.18
C GLN A 76 14.91 3.98 -10.32
N LYS A 77 15.59 4.05 -9.17
CA LYS A 77 15.39 5.16 -8.25
C LYS A 77 15.85 6.49 -8.85
N HIS A 78 16.80 6.44 -9.80
CA HIS A 78 17.26 7.64 -10.48
C HIS A 78 16.62 7.84 -11.84
N ALA A 79 16.42 6.75 -12.60
CA ALA A 79 15.90 6.89 -13.96
C ALA A 79 14.44 7.31 -13.96
N ILE A 80 13.59 6.60 -13.18
CA ILE A 80 12.15 6.88 -13.19
C ILE A 80 11.83 8.35 -12.95
N PRO A 81 12.36 9.02 -11.92
CA PRO A 81 12.03 10.45 -11.76
C PRO A 81 12.55 11.31 -12.88
N ILE A 82 13.65 10.93 -13.52
CA ILE A 82 14.15 11.68 -14.67
C ILE A 82 13.19 11.58 -15.84
N ILE A 83 12.71 10.35 -16.12
CA ILE A 83 11.80 10.14 -17.24
C ILE A 83 10.49 10.89 -17.03
N LYS A 84 9.97 10.87 -15.81
CA LYS A 84 8.65 11.44 -15.56
C LYS A 84 8.62 12.94 -15.77
N GLU A 85 9.74 13.63 -15.57
CA GLU A 85 9.83 15.05 -15.85
C GLU A 85 10.24 15.32 -17.29
N LYS A 86 10.07 14.33 -18.17
CA LYS A 86 10.29 14.46 -19.61
C LYS A 86 11.67 15.03 -19.91
N ARG A 87 12.67 14.45 -19.27
CA ARG A 87 14.07 14.77 -19.54
C ARG A 87 14.73 13.60 -20.22
N ASP A 88 15.53 13.89 -21.25
CA ASP A 88 16.27 12.86 -21.95
C ASP A 88 17.32 12.26 -21.01
N LEU A 89 17.71 11.01 -21.30
CA LEU A 89 18.55 10.26 -20.39
C LEU A 89 19.59 9.45 -21.15
N MET A 90 20.84 9.56 -20.72
CA MET A 90 21.92 8.68 -21.14
C MET A 90 22.35 7.88 -19.92
N ALA A 91 21.99 6.60 -19.89
CA ALA A 91 22.17 5.76 -18.71
C ALA A 91 23.15 4.64 -19.03
N CYS A 92 24.25 4.60 -18.28
CA CYS A 92 25.23 3.52 -18.40
C CYS A 92 24.91 2.51 -17.30
N ALA A 93 24.12 1.50 -17.67
CA ALA A 93 23.65 0.48 -16.73
C ALA A 93 23.65 -0.87 -17.42
N GLN A 94 23.96 -1.91 -16.64
CA GLN A 94 24.09 -3.25 -17.18
C GLN A 94 22.79 -4.04 -17.04
N THR A 95 22.61 -5.01 -17.94
CA THR A 95 21.50 -5.95 -17.86
C THR A 95 21.40 -6.57 -16.48
N GLY A 96 20.24 -6.43 -15.85
CA GLY A 96 20.03 -6.90 -14.51
C GLY A 96 19.89 -5.80 -13.47
N SER A 97 19.89 -4.54 -13.88
CA SER A 97 19.72 -3.41 -12.98
C SER A 97 18.27 -2.92 -12.95
N GLY A 98 17.36 -3.60 -13.62
CA GLY A 98 15.99 -3.14 -13.70
C GLY A 98 15.76 -2.07 -14.75
N LYS A 99 16.48 -2.14 -15.88
CA LYS A 99 16.37 -1.09 -16.89
C LYS A 99 14.95 -1.04 -17.48
N THR A 100 14.37 -2.20 -17.76
CA THR A 100 13.10 -2.25 -18.48
C THR A 100 12.00 -1.53 -17.72
N ALA A 101 11.80 -1.89 -16.44
CA ALA A 101 10.81 -1.18 -15.64
C ALA A 101 11.17 0.29 -15.47
N ALA A 102 12.47 0.62 -15.52
CA ALA A 102 12.89 2.00 -15.30
C ALA A 102 12.31 2.94 -16.36
N PHE A 103 12.19 2.49 -17.61
CA PHE A 103 11.59 3.33 -18.63
C PHE A 103 10.18 2.94 -19.00
N LEU A 104 9.79 1.67 -18.82
CA LEU A 104 8.45 1.25 -19.22
C LEU A 104 7.38 1.86 -18.31
N LEU A 105 7.65 1.95 -17.01
CA LEU A 105 6.62 2.44 -16.08
C LEU A 105 6.28 3.91 -16.34
N PRO A 106 7.23 4.85 -16.32
CA PRO A 106 6.86 6.26 -16.52
C PRO A 106 6.34 6.54 -17.92
N ILE A 107 6.82 5.84 -18.95
CA ILE A 107 6.34 6.07 -20.31
C ILE A 107 4.87 5.66 -20.42
N LEU A 108 4.54 4.45 -20.00
CA LEU A 108 3.15 4.01 -20.04
C LEU A 108 2.28 4.87 -19.14
N SER A 109 2.79 5.24 -17.96
CA SER A 109 2.05 6.12 -17.06
C SER A 109 1.65 7.41 -17.76
N GLN A 110 2.58 8.01 -18.50
CA GLN A 110 2.26 9.23 -19.22
C GLN A 110 1.29 8.97 -20.37
N ILE A 111 1.45 7.84 -21.07
CA ILE A 111 0.57 7.53 -22.18
C ILE A 111 -0.87 7.35 -21.69
N TYR A 112 -1.04 6.70 -20.53
CA TYR A 112 -2.37 6.59 -19.94
C TYR A 112 -2.93 7.95 -19.59
N SER A 113 -2.09 8.84 -19.05
CA SER A 113 -2.56 10.13 -18.58
C SER A 113 -2.99 11.02 -19.76
N ASP A 114 -2.21 11.03 -20.84
CA ASP A 114 -2.53 11.88 -21.98
C ASP A 114 -3.50 11.23 -22.95
N GLY A 115 -3.52 9.90 -23.02
CA GLY A 115 -4.31 9.22 -24.01
C GLY A 115 -3.62 9.19 -25.36
N PRO A 116 -4.39 8.96 -26.42
CA PRO A 116 -3.80 8.80 -27.75
C PRO A 116 -3.55 10.08 -28.53
N GLY A 117 -4.01 11.23 -28.03
CA GLY A 117 -3.89 12.46 -28.77
C GLY A 117 -4.93 12.57 -29.86
N GLU A 118 -5.36 13.81 -30.18
CA GLU A 118 -6.45 14.02 -31.13
C GLU A 118 -6.12 13.58 -32.55
N ALA A 119 -4.90 13.11 -32.82
CA ALA A 119 -4.59 12.62 -34.15
C ALA A 119 -5.07 11.19 -34.35
N LEU A 120 -4.69 10.29 -33.43
CA LEU A 120 -5.12 8.91 -33.49
C LEU A 120 -6.57 8.71 -33.05
N ARG A 121 -7.17 9.72 -32.42
CA ARG A 121 -8.59 9.62 -32.08
C ARG A 121 -9.44 9.55 -33.34
N ALA A 122 -9.12 10.38 -34.33
CA ALA A 122 -9.84 10.41 -35.59
C ALA A 122 -9.19 9.51 -36.64
N MET A 123 -8.95 8.26 -36.27
CA MET A 123 -8.33 7.29 -37.18
C MET A 123 -8.83 5.87 -36.91
N LYS A 133 -2.23 0.70 -41.51
CA LYS A 133 -0.91 0.79 -40.89
C LYS A 133 -1.02 1.32 -39.46
N GLN A 134 0.03 1.11 -38.67
CA GLN A 134 0.03 1.43 -37.26
C GLN A 134 1.05 2.52 -36.95
N TYR A 135 0.70 3.36 -35.97
CA TYR A 135 1.58 4.45 -35.50
C TYR A 135 1.84 4.29 -34.01
N PRO A 136 2.94 3.67 -33.62
CA PRO A 136 3.22 3.51 -32.19
C PRO A 136 3.60 4.84 -31.55
N ILE A 137 3.05 5.09 -30.36
CA ILE A 137 3.42 6.27 -29.60
C ILE A 137 4.78 6.08 -28.94
N SER A 138 5.24 4.84 -28.78
CA SER A 138 6.50 4.54 -28.11
C SER A 138 7.23 3.46 -28.88
N LEU A 139 8.52 3.67 -29.13
CA LEU A 139 9.36 2.71 -29.85
C LEU A 139 10.57 2.35 -29.00
N VAL A 140 10.68 1.07 -28.66
CA VAL A 140 11.81 0.51 -27.93
C VAL A 140 12.62 -0.32 -28.91
N LEU A 141 13.91 -0.02 -29.04
CA LEU A 141 14.81 -0.73 -29.94
C LEU A 141 15.79 -1.56 -29.12
N ALA A 142 15.89 -2.84 -29.47
CA ALA A 142 16.75 -3.79 -28.79
C ALA A 142 17.67 -4.46 -29.79
N PRO A 143 18.85 -4.91 -29.36
CA PRO A 143 19.79 -5.55 -30.30
C PRO A 143 19.40 -6.96 -30.72
N THR A 144 18.78 -7.72 -29.82
CA THR A 144 18.51 -9.13 -30.06
C THR A 144 17.01 -9.37 -29.85
N ARG A 145 16.55 -10.55 -30.30
CA ARG A 145 15.18 -10.95 -30.00
C ARG A 145 15.02 -11.44 -28.56
N GLU A 146 16.11 -11.94 -27.96
CA GLU A 146 16.04 -12.34 -26.55
C GLU A 146 15.65 -11.15 -25.68
N LEU A 147 16.25 -9.98 -25.92
CA LEU A 147 15.88 -8.80 -25.15
C LEU A 147 14.59 -8.15 -25.64
N ALA A 148 14.30 -8.20 -26.94
CA ALA A 148 13.03 -7.66 -27.45
C ALA A 148 11.84 -8.39 -26.83
N VAL A 149 11.88 -9.72 -26.84
CA VAL A 149 10.80 -10.50 -26.25
C VAL A 149 10.72 -10.27 -24.75
N GLN A 150 11.88 -10.17 -24.09
CA GLN A 150 11.91 -9.93 -22.65
C GLN A 150 11.23 -8.61 -22.30
N ILE A 151 11.56 -7.55 -23.03
CA ILE A 151 10.94 -6.24 -22.77
C ILE A 151 9.45 -6.30 -23.07
N TYR A 152 9.08 -6.97 -24.16
CA TYR A 152 7.67 -7.08 -24.54
C TYR A 152 6.84 -7.73 -23.46
N GLU A 153 7.37 -8.77 -22.81
CA GLU A 153 6.61 -9.45 -21.77
C GLU A 153 6.43 -8.59 -20.54
N GLU A 154 7.39 -7.70 -20.30
CA GLU A 154 7.31 -6.76 -19.15
C GLU A 154 6.30 -5.66 -19.49
N ALA A 155 6.19 -5.32 -20.77
CA ALA A 155 5.23 -4.31 -21.20
C ALA A 155 3.80 -4.82 -21.11
N ARG A 156 3.60 -6.12 -21.36
CA ARG A 156 2.26 -6.70 -21.23
C ARG A 156 1.80 -6.71 -19.78
N LYS A 157 2.73 -6.93 -18.85
CA LYS A 157 2.36 -6.92 -17.43
C LYS A 157 1.95 -5.53 -16.97
N PHE A 158 2.55 -4.49 -17.52
CA PHE A 158 2.24 -3.12 -17.13
C PHE A 158 1.14 -2.48 -17.97
N SER A 159 0.69 -3.14 -19.03
CA SER A 159 -0.42 -2.67 -19.84
C SER A 159 -1.67 -3.51 -19.66
N TYR A 160 -1.66 -4.43 -18.69
CA TYR A 160 -2.84 -5.25 -18.43
C TYR A 160 -3.97 -4.38 -17.89
N ARG A 161 -5.18 -4.65 -18.37
CA ARG A 161 -6.38 -3.85 -18.08
C ARG A 161 -6.27 -2.43 -18.57
N SER A 162 -5.42 -2.18 -19.56
CA SER A 162 -5.31 -0.86 -20.19
C SER A 162 -5.68 -0.97 -21.66
N ARG A 163 -5.97 0.17 -22.26
CA ARG A 163 -6.26 0.24 -23.69
C ARG A 163 -5.00 0.42 -24.53
N VAL A 164 -3.83 0.34 -23.91
CA VAL A 164 -2.55 0.43 -24.61
C VAL A 164 -2.09 -0.98 -24.95
N ARG A 165 -1.81 -1.23 -26.23
CA ARG A 165 -1.45 -2.56 -26.70
C ARG A 165 0.01 -2.61 -27.12
N PRO A 166 0.84 -3.41 -26.46
CA PRO A 166 2.24 -3.55 -26.90
C PRO A 166 2.38 -4.58 -28.00
N CYS A 167 3.42 -4.39 -28.81
CA CYS A 167 3.80 -5.35 -29.84
C CYS A 167 5.30 -5.56 -29.79
N VAL A 168 5.74 -6.66 -30.39
CA VAL A 168 7.17 -6.97 -30.49
C VAL A 168 7.44 -7.48 -31.90
N VAL A 169 8.59 -7.08 -32.45
CA VAL A 169 8.91 -7.32 -33.85
C VAL A 169 10.41 -7.57 -33.95
N TYR A 170 10.82 -8.69 -34.53
CA TYR A 170 12.24 -9.03 -34.52
C TYR A 170 12.58 -9.92 -35.70
N GLY A 171 13.82 -9.79 -36.17
CA GLY A 171 14.33 -10.67 -37.19
C GLY A 171 14.53 -12.08 -36.68
N GLY A 172 14.84 -12.98 -37.61
CA GLY A 172 15.02 -14.37 -37.28
C GLY A 172 13.74 -15.15 -37.08
N ALA A 173 12.58 -14.53 -37.26
CA ALA A 173 11.30 -15.23 -37.13
C ALA A 173 10.39 -14.87 -38.29
N ASP A 174 9.25 -15.55 -38.32
CA ASP A 174 8.27 -15.42 -39.40
C ASP A 174 7.69 -14.02 -39.40
N ILE A 175 7.97 -13.25 -40.47
CA ILE A 175 7.47 -11.89 -40.54
C ILE A 175 5.95 -11.87 -40.73
N GLY A 176 5.39 -12.90 -41.35
CA GLY A 176 3.96 -12.91 -41.61
C GLY A 176 3.13 -12.87 -40.34
N GLN A 177 3.58 -13.58 -39.30
CA GLN A 177 2.83 -13.59 -38.05
C GLN A 177 2.97 -12.28 -37.30
N GLN A 178 4.11 -11.60 -37.42
CA GLN A 178 4.28 -10.32 -36.75
C GLN A 178 3.40 -9.25 -37.39
N ILE A 179 3.21 -9.32 -38.72
CA ILE A 179 2.37 -8.34 -39.40
C ILE A 179 0.93 -8.43 -38.92
N ARG A 180 0.42 -9.66 -38.76
CA ARG A 180 -0.97 -9.78 -38.31
C ARG A 180 -1.13 -9.43 -36.84
N ASP A 181 -0.06 -9.48 -36.05
CA ASP A 181 -0.16 -9.01 -34.67
C ASP A 181 -0.21 -7.49 -34.61
N LEU A 182 0.51 -6.81 -35.52
CA LEU A 182 0.55 -5.35 -35.50
C LEU A 182 -0.83 -4.76 -35.80
N GLU A 183 -1.52 -5.31 -36.79
CA GLU A 183 -2.80 -4.74 -37.21
C GLU A 183 -3.94 -5.02 -36.25
N ARG A 184 -3.69 -5.80 -35.20
CA ARG A 184 -4.59 -5.81 -34.04
C ARG A 184 -4.37 -4.60 -33.15
N GLY A 185 -3.50 -3.68 -33.56
CA GLY A 185 -3.25 -2.45 -32.83
C GLY A 185 -1.89 -2.44 -32.16
N CYS A 186 -1.16 -1.33 -32.32
CA CYS A 186 0.17 -1.19 -31.73
C CYS A 186 0.37 0.24 -31.28
N HIS A 187 0.48 0.44 -29.97
CA HIS A 187 0.80 1.75 -29.40
C HIS A 187 2.19 1.82 -28.79
N LEU A 188 2.70 0.70 -28.29
CA LEU A 188 4.09 0.59 -27.84
C LEU A 188 4.74 -0.52 -28.65
N LEU A 189 5.81 -0.18 -29.38
CA LEU A 189 6.47 -1.13 -30.26
C LEU A 189 7.87 -1.43 -29.75
N VAL A 190 8.15 -2.71 -29.51
CA VAL A 190 9.50 -3.20 -29.26
C VAL A 190 10.00 -3.85 -30.54
N ALA A 191 11.25 -3.54 -30.92
CA ALA A 191 11.72 -4.02 -32.21
C ALA A 191 13.24 -4.09 -32.22
N THR A 192 13.75 -5.00 -33.07
CA THR A 192 15.15 -5.02 -33.48
C THR A 192 15.30 -4.18 -34.75
N PRO A 193 16.44 -3.50 -34.91
CA PRO A 193 16.53 -2.47 -35.96
C PRO A 193 16.27 -2.99 -37.37
N GLY A 194 16.85 -4.13 -37.74
CA GLY A 194 16.71 -4.61 -39.10
C GLY A 194 15.28 -5.01 -39.44
N ARG A 195 14.57 -5.63 -38.50
CA ARG A 195 13.19 -6.02 -38.77
C ARG A 195 12.24 -4.82 -38.74
N LEU A 196 12.61 -3.73 -38.05
CA LEU A 196 11.74 -2.57 -38.05
C LEU A 196 11.79 -1.85 -39.40
N VAL A 197 12.99 -1.53 -39.88
CA VAL A 197 13.10 -0.85 -41.18
C VAL A 197 12.34 -1.63 -42.24
N ASP A 198 12.39 -2.96 -42.16
CA ASP A 198 11.64 -3.80 -43.10
C ASP A 198 10.14 -3.52 -43.01
N MET A 199 9.62 -3.28 -41.80
CA MET A 199 8.20 -3.05 -41.65
C MET A 199 7.78 -1.67 -42.16
N MET A 200 8.70 -0.69 -42.11
CA MET A 200 8.37 0.65 -42.59
C MET A 200 8.49 0.76 -44.11
N GLU A 201 9.44 0.03 -44.71
CA GLU A 201 9.47 -0.08 -46.16
C GLU A 201 8.17 -0.69 -46.67
N ARG A 202 7.67 -1.72 -45.99
CA ARG A 202 6.39 -2.33 -46.33
C ARG A 202 5.19 -1.46 -45.95
N GLY A 203 5.42 -0.27 -45.41
CA GLY A 203 4.33 0.62 -45.07
C GLY A 203 3.46 0.17 -43.92
N LYS A 204 3.94 -0.77 -43.10
CA LYS A 204 3.17 -1.26 -41.97
C LYS A 204 3.32 -0.42 -40.72
N ILE A 205 4.43 0.31 -40.59
CA ILE A 205 4.72 1.10 -39.40
C ILE A 205 5.09 2.51 -39.84
N GLY A 206 4.49 3.51 -39.20
CA GLY A 206 4.89 4.90 -39.36
C GLY A 206 5.27 5.47 -38.02
N LEU A 207 6.31 6.30 -38.01
CA LEU A 207 6.85 6.87 -36.79
C LEU A 207 6.40 8.31 -36.55
N ASP A 208 5.40 8.79 -37.31
CA ASP A 208 5.01 10.20 -37.26
C ASP A 208 4.50 10.64 -35.90
N PHE A 209 4.10 9.71 -35.03
CA PHE A 209 3.57 10.05 -33.72
C PHE A 209 4.39 9.43 -32.59
N CYS A 210 5.63 9.03 -32.86
CA CYS A 210 6.48 8.37 -31.89
C CYS A 210 7.08 9.42 -30.96
N LYS A 211 6.45 9.60 -29.79
CA LYS A 211 6.90 10.59 -28.82
C LYS A 211 7.92 10.05 -27.83
N TYR A 212 8.05 8.72 -27.73
CA TYR A 212 8.98 8.11 -26.79
C TYR A 212 9.86 7.12 -27.54
N LEU A 213 11.18 7.33 -27.45
CA LEU A 213 12.14 6.44 -28.05
C LEU A 213 13.18 6.07 -27.01
N VAL A 214 13.34 4.77 -26.76
CA VAL A 214 14.43 4.28 -25.93
C VAL A 214 15.26 3.32 -26.75
N LEU A 215 16.57 3.33 -26.51
CA LEU A 215 17.50 2.43 -27.17
C LEU A 215 18.20 1.63 -26.07
N ASP A 216 17.91 0.33 -26.03
CA ASP A 216 18.44 -0.55 -24.99
C ASP A 216 19.66 -1.29 -25.52
N GLU A 217 20.68 -1.39 -24.67
CA GLU A 217 21.98 -1.95 -25.03
C GLU A 217 22.49 -1.32 -26.34
N ALA A 218 22.60 0.01 -26.31
CA ALA A 218 23.04 0.73 -27.49
C ALA A 218 24.43 0.29 -27.91
N ASP A 219 25.31 0.00 -26.94
CA ASP A 219 26.64 -0.48 -27.27
C ASP A 219 26.59 -1.78 -28.07
N ARG A 220 25.82 -2.75 -27.58
CA ARG A 220 25.68 -4.01 -28.30
C ARG A 220 25.07 -3.79 -29.68
N MET A 221 24.08 -2.89 -29.78
CA MET A 221 23.50 -2.59 -31.09
C MET A 221 24.55 -2.05 -32.04
N LEU A 222 25.50 -1.25 -31.54
CA LEU A 222 26.61 -0.79 -32.37
C LEU A 222 27.55 -1.94 -32.69
N ASP A 223 27.92 -2.73 -31.68
CA ASP A 223 28.80 -3.87 -31.89
C ASP A 223 28.27 -4.80 -32.97
N MET A 224 26.96 -5.01 -33.00
CA MET A 224 26.35 -5.91 -33.98
C MET A 224 26.12 -5.26 -35.34
N GLY A 225 26.53 -4.01 -35.54
CA GLY A 225 26.43 -3.40 -36.85
C GLY A 225 25.10 -2.76 -37.17
N PHE A 226 24.37 -2.28 -36.17
CA PHE A 226 23.01 -1.78 -36.39
C PHE A 226 22.94 -0.26 -36.52
N GLU A 227 24.07 0.45 -36.48
CA GLU A 227 24.01 1.90 -36.59
C GLU A 227 23.34 2.41 -37.86
N PRO A 228 23.64 1.89 -39.06
CA PRO A 228 22.95 2.40 -40.25
C PRO A 228 21.44 2.27 -40.17
N GLN A 229 20.94 1.15 -39.64
CA GLN A 229 19.49 1.01 -39.47
C GLN A 229 18.97 1.99 -38.43
N ILE A 230 19.70 2.18 -37.33
CA ILE A 230 19.24 3.08 -36.28
C ILE A 230 19.22 4.52 -36.80
N ARG A 231 20.25 4.92 -37.53
CA ARG A 231 20.25 6.26 -38.13
C ARG A 231 19.13 6.40 -39.16
N ARG A 232 18.82 5.33 -39.87
CA ARG A 232 17.71 5.38 -40.83
C ARG A 232 16.36 5.47 -40.12
N ILE A 233 16.21 4.74 -39.01
CA ILE A 233 14.98 4.79 -38.25
C ILE A 233 14.79 6.16 -37.60
N VAL A 234 15.86 6.69 -37.01
CA VAL A 234 15.73 7.87 -36.16
C VAL A 234 15.91 9.17 -36.94
N GLU A 235 16.73 9.19 -37.99
CA GLU A 235 17.10 10.44 -38.64
C GLU A 235 16.57 10.62 -40.05
N GLN A 236 16.43 9.56 -40.84
CA GLN A 236 16.12 9.69 -42.26
C GLN A 236 14.65 9.46 -42.58
N ASP A 237 13.77 9.49 -41.59
CA ASP A 237 12.34 9.25 -41.81
C ASP A 237 11.51 10.15 -40.91
N THR A 238 10.28 9.72 -40.63
CA THR A 238 9.21 10.54 -40.06
C THR A 238 9.22 10.66 -38.54
N MET A 239 10.25 10.16 -37.85
CA MET A 239 10.24 10.26 -36.39
C MET A 239 10.46 11.71 -35.96
N PRO A 240 9.70 12.20 -34.98
CA PRO A 240 9.91 13.56 -34.51
C PRO A 240 11.33 13.73 -33.96
N PRO A 241 11.89 14.92 -34.10
CA PRO A 241 13.30 15.12 -33.71
C PRO A 241 13.46 15.25 -32.21
N LYS A 242 14.72 15.19 -31.78
CA LYS A 242 15.05 15.37 -30.38
C LYS A 242 14.57 16.74 -29.91
N GLY A 243 14.19 16.82 -28.63
CA GLY A 243 13.53 17.97 -28.08
C GLY A 243 12.02 17.94 -28.21
N VAL A 244 11.51 17.27 -29.23
CA VAL A 244 10.08 17.03 -29.38
C VAL A 244 9.77 15.69 -28.75
N ARG A 245 10.35 14.63 -29.31
CA ARG A 245 10.23 13.32 -28.70
C ARG A 245 11.11 13.23 -27.45
N HIS A 246 10.79 12.25 -26.61
CA HIS A 246 11.52 11.99 -25.38
C HIS A 246 12.40 10.76 -25.61
N THR A 247 13.71 10.92 -25.45
CA THR A 247 14.66 9.89 -25.83
C THR A 247 15.46 9.41 -24.62
N MET A 248 15.67 8.09 -24.56
CA MET A 248 16.43 7.45 -23.50
C MET A 248 17.40 6.47 -24.12
N MET A 249 18.66 6.51 -23.68
CA MET A 249 19.67 5.58 -24.16
C MET A 249 20.22 4.77 -23.00
N PHE A 250 20.33 3.46 -23.21
CA PHE A 250 20.86 2.53 -22.21
C PHE A 250 21.98 1.73 -22.84
N SER A 251 23.10 1.63 -22.14
CA SER A 251 24.24 0.86 -22.64
C SER A 251 25.11 0.44 -21.47
N ALA A 252 25.68 -0.76 -21.58
CA ALA A 252 26.51 -1.29 -20.49
C ALA A 252 27.85 -0.59 -20.42
N THR A 253 28.45 -0.27 -21.55
CA THR A 253 29.68 0.50 -21.63
C THR A 253 29.39 1.86 -22.26
N PHE A 254 30.32 2.80 -22.07
CA PHE A 254 30.17 4.16 -22.57
C PHE A 254 31.42 4.58 -23.34
N PRO A 255 31.70 3.94 -24.47
CA PRO A 255 32.77 4.42 -25.34
C PRO A 255 32.35 5.70 -26.05
N LYS A 256 33.32 6.34 -26.71
CA LYS A 256 33.04 7.61 -27.37
C LYS A 256 32.04 7.45 -28.50
N GLU A 257 31.98 6.26 -29.12
CA GLU A 257 30.97 6.01 -30.13
C GLU A 257 29.57 6.17 -29.54
N ILE A 258 29.35 5.65 -28.34
CA ILE A 258 28.07 5.83 -27.66
C ILE A 258 27.84 7.30 -27.33
N GLN A 259 28.89 8.01 -26.92
CA GLN A 259 28.74 9.41 -26.54
C GLN A 259 28.39 10.27 -27.75
N MET A 260 28.93 9.96 -28.93
CA MET A 260 28.60 10.74 -30.11
C MET A 260 27.17 10.46 -30.56
N LEU A 261 26.72 9.20 -30.45
CA LEU A 261 25.32 8.89 -30.74
C LEU A 261 24.39 9.60 -29.77
N ALA A 262 24.79 9.68 -28.50
CA ALA A 262 23.97 10.37 -27.51
C ALA A 262 23.87 11.86 -27.82
N ARG A 263 24.95 12.46 -28.30
CA ARG A 263 24.91 13.89 -28.61
C ARG A 263 24.10 14.17 -29.87
N ASP A 264 24.02 13.21 -30.78
CA ASP A 264 23.16 13.37 -31.95
C ASP A 264 21.70 13.15 -31.60
N PHE A 265 21.42 12.18 -30.72
CA PHE A 265 20.05 11.72 -30.49
C PHE A 265 19.38 12.35 -29.28
N LEU A 266 20.14 12.78 -28.27
CA LEU A 266 19.56 13.30 -27.04
C LEU A 266 19.61 14.82 -27.02
N ASP A 267 18.72 15.41 -26.21
CA ASP A 267 18.61 16.85 -26.09
C ASP A 267 18.55 17.23 -24.62
N GLU A 268 19.56 17.97 -24.16
CA GLU A 268 19.62 18.46 -22.78
C GLU A 268 19.44 17.32 -21.78
N TYR A 269 20.16 16.23 -22.02
CA TYR A 269 19.95 14.99 -21.29
C TYR A 269 20.67 15.00 -19.95
N ILE A 270 20.31 14.02 -19.12
CA ILE A 270 20.99 13.73 -17.87
C ILE A 270 21.88 12.52 -18.08
N PHE A 271 23.11 12.58 -17.59
CA PHE A 271 24.03 11.46 -17.66
C PHE A 271 23.94 10.66 -16.36
N LEU A 272 23.64 9.37 -16.47
CA LEU A 272 23.52 8.48 -15.32
C LEU A 272 24.57 7.39 -15.44
N ALA A 273 25.36 7.22 -14.38
CA ALA A 273 26.41 6.22 -14.34
C ALA A 273 26.24 5.35 -13.11
N VAL A 274 26.41 4.04 -13.30
CA VAL A 274 26.33 3.08 -12.19
C VAL A 274 27.69 2.39 -12.00
N GLU A 282 34.57 -7.21 -8.81
CA GLU A 282 34.66 -8.08 -7.66
C GLU A 282 36.10 -8.56 -7.44
N ASN A 283 37.01 -7.60 -7.28
CA ASN A 283 38.40 -7.89 -6.94
C ASN A 283 38.68 -7.67 -5.46
N ILE A 284 37.67 -7.90 -4.62
CA ILE A 284 37.77 -7.68 -3.17
C ILE A 284 37.44 -9.00 -2.48
N THR A 285 38.36 -9.47 -1.65
CA THR A 285 38.08 -10.62 -0.78
C THR A 285 37.27 -10.14 0.42
N GLN A 286 36.09 -10.70 0.60
CA GLN A 286 35.18 -10.30 1.66
C GLN A 286 35.06 -11.43 2.68
N LYS A 287 35.34 -11.11 3.94
CA LYS A 287 35.26 -12.06 5.04
C LYS A 287 34.26 -11.55 6.08
N VAL A 288 33.32 -12.40 6.47
CA VAL A 288 32.39 -12.13 7.55
C VAL A 288 32.66 -13.13 8.66
N VAL A 289 32.79 -12.64 9.90
CA VAL A 289 33.08 -13.49 11.04
C VAL A 289 32.17 -13.10 12.19
N TRP A 290 31.85 -14.08 13.03
CA TRP A 290 31.00 -13.85 14.19
C TRP A 290 31.85 -13.28 15.33
N VAL A 291 31.50 -12.08 15.78
CA VAL A 291 32.21 -11.42 16.87
C VAL A 291 31.19 -10.83 17.82
N GLU A 292 31.16 -11.31 19.06
CA GLU A 292 30.34 -10.68 20.08
C GLU A 292 30.90 -9.30 20.43
N GLU A 293 30.01 -8.42 20.90
CA GLU A 293 30.37 -7.02 21.09
C GLU A 293 31.57 -6.85 22.00
N SER A 294 31.61 -7.59 23.11
CA SER A 294 32.72 -7.47 24.05
C SER A 294 34.02 -8.04 23.50
N ASP A 295 33.99 -8.74 22.36
CA ASP A 295 35.18 -9.32 21.75
C ASP A 295 35.71 -8.50 20.59
N LYS A 296 35.00 -7.45 20.18
CA LYS A 296 35.36 -6.74 18.95
C LYS A 296 36.73 -6.08 19.05
N ARG A 297 37.02 -5.45 20.19
CA ARG A 297 38.31 -4.80 20.34
C ARG A 297 39.46 -5.79 20.33
N SER A 298 39.25 -6.97 20.93
CA SER A 298 40.28 -8.01 20.88
C SER A 298 40.45 -8.54 19.47
N PHE A 299 39.35 -8.77 18.75
CA PHE A 299 39.43 -9.21 17.36
C PHE A 299 40.14 -8.17 16.49
N LEU A 300 39.86 -6.89 16.74
CA LEU A 300 40.48 -5.83 15.96
C LEU A 300 41.99 -5.78 16.20
N LEU A 301 42.41 -5.89 17.46
CA LEU A 301 43.84 -5.86 17.78
C LEU A 301 44.58 -6.94 17.02
N ASP A 302 43.97 -8.12 16.86
CA ASP A 302 44.64 -9.20 16.15
C ASP A 302 44.74 -8.91 14.65
N LEU A 303 43.75 -8.22 14.08
CA LEU A 303 43.83 -7.85 12.68
C LEU A 303 44.89 -6.78 12.45
N LEU A 304 44.99 -5.82 13.38
CA LEU A 304 46.02 -4.79 13.27
C LEU A 304 47.42 -5.38 13.44
N ASN A 305 47.58 -6.27 14.42
CA ASN A 305 48.89 -6.88 14.65
C ASN A 305 49.34 -7.76 13.50
N ALA A 306 48.46 -8.10 12.57
CA ALA A 306 48.82 -8.86 11.38
C ALA A 306 48.83 -7.99 10.12
N THR A 307 48.90 -6.68 10.29
CA THR A 307 48.87 -5.74 9.18
C THR A 307 50.28 -5.36 8.78
N GLY A 308 50.52 -5.31 7.47
CA GLY A 308 51.84 -5.09 6.92
C GLY A 308 52.48 -3.76 7.27
N LYS A 309 53.65 -3.49 6.68
CA LYS A 309 54.46 -2.36 7.12
C LYS A 309 53.77 -1.02 6.82
N ASP A 310 53.44 -0.78 5.56
CA ASP A 310 52.88 0.51 5.16
C ASP A 310 51.55 0.32 4.43
N SER A 311 50.68 -0.49 5.01
CA SER A 311 49.32 -0.68 4.52
C SER A 311 48.35 0.14 5.37
N LEU A 312 47.41 0.79 4.70
CA LEU A 312 46.40 1.61 5.36
C LEU A 312 45.16 0.78 5.66
N THR A 313 44.59 0.99 6.85
CA THR A 313 43.41 0.24 7.29
C THR A 313 42.29 1.21 7.64
N LEU A 314 41.09 0.93 7.14
CA LEU A 314 39.90 1.72 7.41
C LEU A 314 39.01 0.93 8.35
N VAL A 315 38.73 1.51 9.52
CA VAL A 315 37.89 0.87 10.53
C VAL A 315 36.60 1.67 10.64
N PHE A 316 35.49 1.05 10.26
CA PHE A 316 34.18 1.69 10.26
C PHE A 316 33.40 1.30 11.52
N VAL A 317 32.82 2.30 12.18
CA VAL A 317 32.04 2.10 13.41
C VAL A 317 30.71 2.82 13.27
N GLU A 318 29.82 2.57 14.22
CA GLU A 318 28.42 3.00 14.09
C GLU A 318 28.22 4.45 14.52
N THR A 319 28.74 4.83 15.68
CA THR A 319 28.43 6.12 16.27
C THR A 319 29.68 6.96 16.45
N LYS A 320 29.48 8.28 16.49
CA LYS A 320 30.60 9.21 16.65
C LYS A 320 31.39 8.91 17.91
N LYS A 321 30.69 8.75 19.05
CA LYS A 321 31.39 8.46 20.29
C LYS A 321 31.98 7.06 20.28
N GLY A 322 31.38 6.13 19.54
CA GLY A 322 32.04 4.86 19.28
C GLY A 322 33.39 5.05 18.61
N ALA A 323 33.46 5.97 17.65
CA ALA A 323 34.74 6.26 16.99
C ALA A 323 35.72 6.95 17.95
N ASP A 324 35.22 7.85 18.78
CA ASP A 324 36.08 8.53 19.74
C ASP A 324 36.66 7.54 20.74
N SER A 325 35.78 6.75 21.37
CA SER A 325 36.23 5.78 22.38
C SER A 325 37.19 4.76 21.80
N LEU A 326 37.04 4.41 20.53
CA LEU A 326 37.88 3.37 19.92
C LEU A 326 39.27 3.89 19.55
N GLU A 327 39.36 5.15 19.13
CA GLU A 327 40.67 5.73 18.86
C GLU A 327 41.47 5.91 20.15
N ASP A 328 40.80 6.22 21.25
CA ASP A 328 41.48 6.30 22.54
C ASP A 328 41.98 4.93 22.97
N PHE A 329 41.15 3.90 22.83
CA PHE A 329 41.57 2.55 23.15
C PHE A 329 42.79 2.15 22.34
N LEU A 330 42.74 2.32 21.01
CA LEU A 330 43.87 1.96 20.17
C LEU A 330 45.10 2.77 20.50
N TYR A 331 44.93 4.02 20.94
CA TYR A 331 46.06 4.84 21.35
C TYR A 331 46.72 4.26 22.60
N HIS A 332 45.93 3.94 23.62
CA HIS A 332 46.46 3.41 24.86
C HIS A 332 47.03 2.01 24.69
N GLU A 333 46.74 1.33 23.59
CA GLU A 333 47.34 0.04 23.28
C GLU A 333 48.52 0.17 22.32
N GLY A 334 48.99 1.40 22.05
CA GLY A 334 50.20 1.61 21.30
C GLY A 334 50.06 1.64 19.79
N TYR A 335 48.85 1.82 19.26
CA TYR A 335 48.64 1.86 17.82
C TYR A 335 48.49 3.30 17.38
N ALA A 336 49.23 3.67 16.33
CA ALA A 336 49.12 4.99 15.73
C ALA A 336 47.88 5.02 14.85
N CYS A 337 46.80 5.62 15.34
CA CYS A 337 45.55 5.69 14.62
C CYS A 337 45.02 7.12 14.69
N THR A 338 43.98 7.38 13.90
CA THR A 338 43.30 8.66 13.93
C THR A 338 41.82 8.43 13.63
N SER A 339 41.04 9.49 13.72
CA SER A 339 39.59 9.35 13.73
C SER A 339 38.95 10.48 12.93
N ILE A 340 37.73 10.22 12.46
CA ILE A 340 36.95 11.20 11.73
C ILE A 340 35.48 10.81 11.82
N HIS A 341 34.64 11.81 12.10
CA HIS A 341 33.20 11.60 12.09
C HIS A 341 32.52 12.94 11.85
N GLY A 342 31.18 12.93 11.87
CA GLY A 342 30.41 14.04 11.34
C GLY A 342 30.59 15.35 12.10
N ASP A 343 30.85 15.27 13.40
CA ASP A 343 30.98 16.47 14.22
C ASP A 343 32.41 17.01 14.24
N ARG A 344 33.31 16.43 13.45
CA ARG A 344 34.65 16.98 13.30
C ARG A 344 34.62 18.17 12.34
N SER A 345 35.27 19.25 12.74
CA SER A 345 35.43 20.38 11.84
C SER A 345 36.19 19.95 10.59
N GLN A 346 36.04 20.75 9.53
CA GLN A 346 36.79 20.49 8.31
C GLN A 346 38.29 20.50 8.58
N ARG A 347 38.74 21.29 9.56
CA ARG A 347 40.15 21.29 9.93
C ARG A 347 40.54 19.97 10.61
N ASP A 348 39.74 19.52 11.58
CA ASP A 348 40.01 18.25 12.24
C ASP A 348 40.01 17.11 11.22
N ARG A 349 39.12 17.17 10.24
CA ARG A 349 39.08 16.13 9.22
C ARG A 349 40.35 16.13 8.37
N GLU A 350 40.84 17.31 8.00
CA GLU A 350 42.05 17.38 7.18
C GLU A 350 43.26 16.89 7.95
N GLU A 351 43.34 17.20 9.25
CA GLU A 351 44.44 16.71 10.06
C GLU A 351 44.47 15.19 10.10
N ALA A 352 43.30 14.57 10.28
CA ALA A 352 43.24 13.11 10.30
C ALA A 352 43.61 12.52 8.94
N LEU A 353 43.10 13.11 7.86
CA LEU A 353 43.43 12.64 6.53
C LEU A 353 44.91 12.84 6.23
N HIS A 354 45.54 13.85 6.85
CA HIS A 354 46.97 14.05 6.68
C HIS A 354 47.76 12.90 7.31
N GLN A 355 47.53 12.63 8.60
CA GLN A 355 48.25 11.56 9.28
C GLN A 355 47.96 10.20 8.66
N PHE A 356 46.75 10.01 8.14
CA PHE A 356 46.39 8.72 7.54
C PHE A 356 47.12 8.53 6.22
N ARG A 357 47.08 9.54 5.35
CA ARG A 357 47.63 9.42 4.01
C ARG A 357 49.16 9.51 3.99
N SER A 358 49.77 10.07 5.04
CA SER A 358 51.21 10.08 5.15
C SER A 358 51.78 8.77 5.71
N GLY A 359 50.93 7.91 6.28
CA GLY A 359 51.38 6.70 6.93
C GLY A 359 51.75 6.86 8.39
N LYS A 360 51.72 8.08 8.92
CA LYS A 360 52.07 8.30 10.33
C LYS A 360 51.06 7.61 11.25
N SER A 361 49.77 7.82 10.98
CA SER A 361 48.69 7.12 11.68
C SER A 361 47.94 6.31 10.65
N PRO A 362 48.40 5.09 10.34
CA PRO A 362 47.82 4.32 9.23
C PRO A 362 46.50 3.65 9.52
N ILE A 363 45.87 3.93 10.66
CA ILE A 363 44.54 3.40 10.99
C ILE A 363 43.60 4.58 11.11
N LEU A 364 42.53 4.56 10.31
CA LEU A 364 41.52 5.62 10.35
C LEU A 364 40.20 5.04 10.83
N VAL A 365 39.71 5.55 11.95
CA VAL A 365 38.44 5.14 12.53
C VAL A 365 37.39 6.16 12.11
N ALA A 366 36.32 5.70 11.46
CA ALA A 366 35.36 6.59 10.85
C ALA A 366 33.95 6.03 11.00
N THR A 367 32.99 6.95 11.13
CA THR A 367 31.58 6.62 10.94
C THR A 367 31.30 6.62 9.44
N ALA A 368 30.01 6.64 9.07
CA ALA A 368 29.65 6.73 7.66
C ALA A 368 30.22 7.96 6.96
N VAL A 369 30.80 8.90 7.71
CA VAL A 369 31.31 10.15 7.12
C VAL A 369 32.34 9.87 6.03
N ALA A 370 33.09 8.78 6.14
CA ALA A 370 34.18 8.48 5.21
C ALA A 370 33.85 7.33 4.28
N ALA A 371 32.58 6.99 4.13
CA ALA A 371 32.16 6.00 3.15
C ALA A 371 31.82 6.62 1.81
N ARG A 372 31.57 7.94 1.77
CA ARG A 372 31.10 8.59 0.57
C ARG A 372 31.43 10.09 0.58
N SER A 377 42.15 6.92 -0.21
CA SER A 377 41.89 6.29 -1.49
C SER A 377 42.53 4.91 -1.60
N ASN A 378 43.84 4.84 -1.32
CA ASN A 378 44.58 3.57 -1.45
C ASN A 378 44.51 2.78 -0.15
N VAL A 379 43.30 2.30 0.14
CA VAL A 379 43.04 1.53 1.36
C VAL A 379 43.22 0.05 1.06
N LYS A 380 44.07 -0.61 1.85
CA LYS A 380 44.34 -2.02 1.64
C LYS A 380 43.38 -2.92 2.41
N HIS A 381 42.81 -2.43 3.51
CA HIS A 381 41.99 -3.27 4.38
C HIS A 381 40.88 -2.41 4.97
N VAL A 382 39.63 -2.82 4.73
CA VAL A 382 38.47 -2.20 5.34
C VAL A 382 37.93 -3.16 6.39
N ILE A 383 37.81 -2.68 7.62
CA ILE A 383 37.24 -3.46 8.71
C ILE A 383 35.90 -2.84 9.09
N ASN A 384 34.83 -3.61 8.96
CA ASN A 384 33.53 -3.21 9.46
C ASN A 384 33.43 -3.64 10.92
N PHE A 385 34.08 -2.83 11.77
CA PHE A 385 33.98 -3.04 13.22
C PHE A 385 32.52 -3.15 13.66
N ASP A 386 31.66 -2.28 13.13
CA ASP A 386 30.22 -2.41 13.24
C ASP A 386 29.64 -2.46 11.85
N LEU A 387 28.90 -3.52 11.54
CA LEU A 387 28.20 -3.59 10.29
C LEU A 387 27.11 -2.51 10.24
N PRO A 388 26.82 -1.97 9.06
CA PRO A 388 25.79 -0.94 8.96
C PRO A 388 24.39 -1.56 8.97
N SER A 389 23.39 -0.68 9.05
CA SER A 389 22.01 -1.13 9.12
C SER A 389 21.40 -1.44 7.76
N ASP A 390 21.99 -0.92 6.68
CA ASP A 390 21.50 -1.14 5.32
C ASP A 390 22.64 -1.59 4.43
N ILE A 391 22.30 -2.41 3.42
CA ILE A 391 23.31 -3.01 2.56
C ILE A 391 23.99 -1.98 1.65
N GLU A 392 23.36 -0.83 1.39
CA GLU A 392 23.99 0.18 0.55
C GLU A 392 25.20 0.82 1.21
N GLU A 393 25.12 1.08 2.51
CA GLU A 393 26.27 1.65 3.21
C GLU A 393 27.41 0.65 3.29
N TYR A 394 27.07 -0.64 3.31
CA TYR A 394 28.11 -1.67 3.37
C TYR A 394 28.99 -1.63 2.13
N VAL A 395 28.39 -1.51 0.94
CA VAL A 395 29.20 -1.57 -0.27
C VAL A 395 30.02 -0.30 -0.43
N HIS A 396 29.42 0.87 -0.15
CA HIS A 396 30.15 2.13 -0.23
C HIS A 396 31.38 2.05 0.64
N ARG A 397 31.25 1.39 1.79
CA ARG A 397 32.38 1.20 2.68
C ARG A 397 33.45 0.32 2.04
N ILE A 398 33.07 -0.88 1.56
CA ILE A 398 34.05 -1.77 0.98
C ILE A 398 34.58 -1.24 -0.34
N GLY A 399 33.91 -0.27 -0.95
CA GLY A 399 34.39 0.33 -2.17
C GLY A 399 35.62 1.21 -2.01
N ARG A 400 36.05 1.46 -0.78
CA ARG A 400 37.26 2.25 -0.56
C ARG A 400 38.53 1.40 -0.64
N THR A 401 38.37 0.09 -0.68
CA THR A 401 39.48 -0.80 -0.85
C THR A 401 39.32 -1.52 -2.18
N GLY A 402 40.38 -2.16 -2.63
CA GLY A 402 40.34 -2.88 -3.89
C GLY A 402 40.09 -2.01 -5.10
N ARG A 403 40.56 -0.78 -5.05
CA ARG A 403 40.38 0.17 -6.16
C ARG A 403 41.64 0.24 -7.02
N VAL A 404 41.51 0.90 -8.17
CA VAL A 404 42.57 1.10 -9.15
C VAL A 404 43.53 -0.09 -9.35
N GLY A 405 42.96 -1.26 -9.58
CA GLY A 405 43.74 -2.47 -9.78
C GLY A 405 44.57 -2.83 -8.57
N ASN A 406 43.89 -3.16 -7.47
CA ASN A 406 44.56 -3.54 -6.23
C ASN A 406 43.72 -4.51 -5.42
N LEU A 407 44.30 -5.64 -5.06
CA LEU A 407 43.60 -6.66 -4.29
C LEU A 407 43.26 -6.14 -2.89
N GLY A 408 42.00 -5.82 -2.67
CA GLY A 408 41.55 -5.31 -1.40
C GLY A 408 40.92 -6.33 -0.50
N LEU A 409 40.97 -6.05 0.79
CA LEU A 409 40.41 -6.92 1.79
C LEU A 409 39.34 -6.22 2.58
N ALA A 410 38.27 -6.93 2.86
CA ALA A 410 37.13 -6.39 3.59
C ALA A 410 36.77 -7.36 4.71
N THR A 411 36.89 -6.90 5.96
CA THR A 411 36.59 -7.70 7.13
C THR A 411 35.40 -7.10 7.85
N SER A 412 34.37 -7.91 8.08
CA SER A 412 33.15 -7.46 8.73
C SER A 412 32.90 -8.28 9.98
N PHE A 413 32.67 -7.60 11.10
CA PHE A 413 32.28 -8.27 12.34
C PHE A 413 30.76 -8.30 12.43
N PHE A 414 30.23 -9.46 12.82
CA PHE A 414 28.81 -9.76 12.76
C PHE A 414 28.37 -10.40 14.08
N ASN A 415 27.24 -9.98 14.59
CA ASN A 415 26.62 -10.66 15.72
C ASN A 415 25.11 -10.46 15.64
N GLU A 416 24.43 -10.71 16.77
CA GLU A 416 22.97 -10.66 16.81
C GLU A 416 22.41 -9.33 16.34
N ARG A 417 23.12 -8.23 16.62
CA ARG A 417 22.62 -6.91 16.28
C ARG A 417 22.57 -6.65 14.78
N ASN A 418 23.07 -7.57 13.96
CA ASN A 418 23.13 -7.37 12.51
C ASN A 418 22.24 -8.33 11.74
N ILE A 419 21.30 -9.02 12.41
CA ILE A 419 20.44 -9.94 11.67
C ILE A 419 19.56 -9.20 10.69
N ASN A 420 19.34 -7.91 10.88
CA ASN A 420 18.55 -7.12 9.93
C ASN A 420 19.16 -7.07 8.54
N ILE A 421 20.45 -7.40 8.40
CA ILE A 421 21.15 -7.37 7.12
C ILE A 421 21.60 -8.77 6.71
N THR A 422 21.08 -9.81 7.37
CA THR A 422 21.46 -11.19 7.07
C THR A 422 21.30 -11.52 5.60
N LYS A 423 20.10 -11.32 5.06
CA LYS A 423 19.81 -11.83 3.72
C LYS A 423 20.42 -10.95 2.64
N ASP A 424 20.45 -9.63 2.85
CA ASP A 424 21.08 -8.76 1.86
C ASP A 424 22.59 -8.99 1.79
N LEU A 425 23.22 -9.28 2.94
CA LEU A 425 24.65 -9.56 2.93
C LEU A 425 24.94 -10.96 2.38
N LEU A 426 24.09 -11.93 2.72
CA LEU A 426 24.26 -13.28 2.16
C LEU A 426 24.10 -13.27 0.65
N ASP A 427 23.04 -12.60 0.16
CA ASP A 427 22.82 -12.51 -1.27
C ASP A 427 23.99 -11.80 -1.96
N LEU A 428 24.57 -10.79 -1.31
CA LEU A 428 25.68 -10.05 -1.91
C LEU A 428 26.93 -10.93 -1.99
N LEU A 429 27.24 -11.64 -0.90
CA LEU A 429 28.42 -12.51 -0.90
C LEU A 429 28.31 -13.58 -1.98
N VAL A 430 27.10 -14.08 -2.22
CA VAL A 430 26.91 -15.10 -3.24
C VAL A 430 27.18 -14.53 -4.63
N GLU A 431 26.60 -13.37 -4.94
CA GLU A 431 26.84 -12.73 -6.23
C GLU A 431 28.31 -12.37 -6.40
N ALA A 432 28.95 -11.93 -5.32
CA ALA A 432 30.37 -11.59 -5.39
C ALA A 432 31.28 -12.81 -5.50
N LYS A 433 30.69 -14.01 -5.62
CA LYS A 433 31.43 -15.27 -5.64
C LYS A 433 32.42 -15.34 -4.47
N GLN A 434 31.97 -14.87 -3.31
CA GLN A 434 32.76 -14.90 -2.09
C GLN A 434 32.41 -16.12 -1.27
N GLU A 435 33.30 -16.47 -0.35
CA GLU A 435 33.07 -17.58 0.55
C GLU A 435 31.98 -17.21 1.55
N VAL A 436 30.99 -18.07 1.68
CA VAL A 436 29.83 -17.83 2.54
C VAL A 436 29.99 -18.65 3.81
N PRO A 437 29.97 -18.04 4.99
CA PRO A 437 29.99 -18.83 6.23
C PRO A 437 28.74 -19.69 6.33
N SER A 438 28.95 -21.00 6.55
CA SER A 438 27.83 -21.94 6.61
C SER A 438 26.80 -21.53 7.65
N TRP A 439 27.23 -20.89 8.74
CA TRP A 439 26.29 -20.47 9.76
C TRP A 439 25.46 -19.26 9.33
N LEU A 440 25.90 -18.53 8.30
CA LEU A 440 25.19 -17.31 7.91
C LEU A 440 23.96 -17.62 7.08
N GLU A 441 24.07 -18.50 6.08
CA GLU A 441 22.90 -18.93 5.35
C GLU A 441 21.94 -19.71 6.23
N ASN A 442 22.42 -20.29 7.32
CA ASN A 442 21.55 -21.00 8.25
C ASN A 442 20.73 -20.02 9.08
N MET A 443 21.30 -18.86 9.41
CA MET A 443 20.54 -17.86 10.15
C MET A 443 19.59 -17.08 9.24
N ALA A 444 19.90 -16.98 7.95
CA ALA A 444 18.95 -16.42 7.00
C ALA A 444 17.70 -17.29 6.91
N TYR A 445 17.89 -18.61 6.82
CA TYR A 445 16.76 -19.54 6.82
C TYR A 445 15.89 -19.36 8.05
N GLU A 446 16.52 -19.39 9.23
CA GLU A 446 15.75 -19.42 10.48
C GLU A 446 15.03 -18.11 10.77
N HIS A 447 15.44 -17.04 10.11
CA HIS A 447 14.82 -15.72 10.36
C HIS A 447 13.84 -15.32 9.26
N HIS A 448 14.20 -15.50 7.99
CA HIS A 448 13.25 -15.12 6.92
C HIS A 448 12.55 -16.34 6.34
N TYR A 449 13.33 -17.33 5.94
CA TYR A 449 12.86 -18.43 5.10
C TYR A 449 12.70 -17.95 3.66
N ASP B 3 -11.24 18.86 -18.08
CA ASP B 3 -12.48 18.44 -17.44
C ASP B 3 -12.43 16.96 -17.05
N ASP B 4 -11.24 16.37 -17.02
CA ASP B 4 -11.07 15.05 -16.44
C ASP B 4 -11.15 15.19 -14.93
N TRP B 5 -12.05 14.42 -14.31
CA TRP B 5 -12.23 14.48 -12.87
C TRP B 5 -11.56 13.32 -12.14
N SER B 6 -11.00 12.36 -12.86
CA SER B 6 -10.17 11.34 -12.24
C SER B 6 -8.72 11.79 -12.06
N LYS B 7 -8.31 12.88 -12.73
CA LYS B 7 -6.94 13.39 -12.68
C LYS B 7 -6.77 14.29 -11.47
N PRO B 8 -5.79 14.01 -10.61
CA PRO B 8 -5.61 14.85 -9.41
C PRO B 8 -4.96 16.19 -9.76
N LEU B 9 -5.39 17.22 -9.02
CA LEU B 9 -4.85 18.55 -9.16
C LEU B 9 -3.44 18.60 -8.57
N PRO B 10 -2.68 19.66 -8.87
CA PRO B 10 -1.39 19.85 -8.21
C PRO B 10 -1.55 19.91 -6.70
N PRO B 11 -0.61 19.35 -5.95
CA PRO B 11 -0.72 19.35 -4.48
C PRO B 11 -0.68 20.75 -3.91
N SER B 12 -0.92 20.82 -2.60
CA SER B 12 -0.77 22.06 -1.85
C SER B 12 -0.58 21.69 -0.39
N GLU B 13 0.61 21.98 0.15
CA GLU B 13 0.94 21.50 1.49
C GLU B 13 0.21 22.29 2.57
N ARG B 14 0.04 23.60 2.36
CA ARG B 14 -0.80 24.39 3.26
C ARG B 14 -2.16 23.75 3.44
N LEU B 15 -2.85 23.46 2.32
CA LEU B 15 -4.11 22.75 2.39
C LEU B 15 -3.96 21.40 3.07
N GLU B 16 -2.85 20.70 2.81
CA GLU B 16 -2.65 19.37 3.36
C GLU B 16 -2.72 19.37 4.88
N GLN B 17 -1.90 20.20 5.52
CA GLN B 17 -1.81 20.17 6.98
C GLN B 17 -3.07 20.72 7.65
N GLU B 18 -3.81 21.60 6.99
CA GLU B 18 -5.10 22.02 7.53
C GLU B 18 -6.07 20.84 7.58
N LEU B 19 -6.10 20.03 6.54
CA LEU B 19 -7.03 18.91 6.48
C LEU B 19 -6.53 17.70 7.26
N PHE B 20 -5.26 17.35 7.10
CA PHE B 20 -4.72 16.16 7.76
C PHE B 20 -3.73 16.52 8.85
N LYS B 31 -19.11 1.47 17.22
CA LYS B 31 -17.79 1.06 17.67
C LYS B 31 -17.67 -0.46 17.62
N TYR B 32 -17.59 -1.09 18.80
CA TYR B 32 -17.57 -2.55 18.89
C TYR B 32 -18.97 -3.15 18.96
N ASP B 33 -19.98 -2.35 19.31
CA ASP B 33 -21.35 -2.85 19.34
C ASP B 33 -21.87 -3.15 17.95
N ASP B 34 -21.24 -2.62 16.90
CA ASP B 34 -21.73 -2.73 15.53
C ASP B 34 -21.07 -3.85 14.74
N ILE B 35 -20.31 -4.72 15.39
CA ILE B 35 -19.59 -5.74 14.62
C ILE B 35 -20.49 -6.90 14.20
N PRO B 36 -21.51 -7.35 14.99
CA PRO B 36 -22.48 -8.27 14.37
C PRO B 36 -23.34 -7.52 13.38
N VAL B 37 -23.08 -7.72 12.10
CA VAL B 37 -23.70 -6.92 11.04
C VAL B 37 -24.13 -7.85 9.92
N GLU B 38 -25.35 -7.66 9.42
CA GLU B 38 -25.92 -8.52 8.38
C GLU B 38 -26.67 -7.67 7.37
N ALA B 39 -26.43 -7.95 6.09
CA ALA B 39 -27.10 -7.26 4.99
C ALA B 39 -27.90 -8.30 4.21
N THR B 40 -29.16 -7.96 3.91
CA THR B 40 -30.05 -8.89 3.22
C THR B 40 -30.82 -8.16 2.13
N GLY B 41 -30.95 -8.81 0.98
CA GLY B 41 -31.63 -8.24 -0.16
C GLY B 41 -31.38 -9.07 -1.40
N ASN B 42 -31.89 -8.56 -2.53
CA ASN B 42 -31.68 -9.24 -3.79
C ASN B 42 -30.28 -8.99 -4.32
N ASN B 43 -29.57 -10.07 -4.65
CA ASN B 43 -28.18 -10.04 -5.09
C ASN B 43 -27.34 -9.07 -4.28
N CYS B 44 -27.39 -9.20 -2.95
CA CYS B 44 -26.61 -8.33 -2.10
C CYS B 44 -25.12 -8.54 -2.36
N PRO B 45 -24.38 -7.49 -2.70
CA PRO B 45 -22.94 -7.65 -2.95
C PRO B 45 -22.21 -8.02 -1.67
N PRO B 46 -21.25 -8.94 -1.75
CA PRO B 46 -20.56 -9.40 -0.54
C PRO B 46 -19.67 -8.32 0.06
N HIS B 47 -19.47 -8.41 1.38
CA HIS B 47 -18.74 -7.40 2.11
C HIS B 47 -17.22 -7.56 1.90
N ILE B 48 -16.52 -6.43 1.99
CA ILE B 48 -15.09 -6.38 1.72
C ILE B 48 -14.33 -6.40 3.04
N GLU B 49 -13.03 -6.67 2.96
CA GLU B 49 -12.17 -6.68 4.13
C GLU B 49 -11.24 -5.48 4.21
N SER B 50 -11.03 -4.78 3.10
CA SER B 50 -10.16 -3.61 3.08
C SER B 50 -10.64 -2.68 1.97
N PHE B 51 -10.27 -1.40 2.10
CA PHE B 51 -10.60 -0.45 1.05
C PHE B 51 -9.96 -0.82 -0.29
N SER B 52 -8.93 -1.67 -0.27
CA SER B 52 -8.32 -2.13 -1.51
C SER B 52 -9.22 -3.07 -2.29
N ASP B 53 -10.18 -3.73 -1.63
CA ASP B 53 -11.05 -4.68 -2.31
C ASP B 53 -12.01 -4.02 -3.29
N VAL B 54 -12.20 -2.70 -3.22
CA VAL B 54 -12.94 -1.95 -4.22
C VAL B 54 -11.98 -0.96 -4.86
N GLU B 55 -12.15 -0.76 -6.16
CA GLU B 55 -11.29 0.13 -6.94
C GLU B 55 -11.97 1.49 -7.01
N MET B 56 -11.56 2.40 -6.12
CA MET B 56 -12.16 3.72 -6.03
C MET B 56 -11.29 4.80 -6.67
N GLY B 57 -10.21 4.43 -7.34
CA GLY B 57 -9.45 5.36 -8.14
C GLY B 57 -8.30 6.03 -7.38
N GLU B 58 -7.53 6.80 -8.15
CA GLU B 58 -6.31 7.42 -7.62
C GLU B 58 -6.63 8.40 -6.49
N ILE B 59 -7.52 9.35 -6.76
CA ILE B 59 -7.77 10.44 -5.80
C ILE B 59 -8.27 9.88 -4.47
N ILE B 60 -9.25 8.97 -4.53
CA ILE B 60 -9.81 8.41 -3.30
C ILE B 60 -8.75 7.62 -2.54
N MET B 61 -8.09 6.69 -3.23
CA MET B 61 -7.03 5.91 -2.58
C MET B 61 -5.93 6.81 -2.04
N GLY B 62 -5.60 7.86 -2.79
CA GLY B 62 -4.64 8.85 -2.33
C GLY B 62 -5.03 9.49 -1.02
N ASN B 63 -6.23 10.09 -0.98
CA ASN B 63 -6.69 10.75 0.24
C ASN B 63 -6.94 9.79 1.38
N ILE B 64 -7.13 8.50 1.10
CA ILE B 64 -7.21 7.51 2.17
C ILE B 64 -5.87 7.38 2.87
N GLU B 65 -4.78 7.37 2.09
CA GLU B 65 -3.44 7.42 2.68
C GLU B 65 -3.30 8.61 3.62
N LEU B 66 -3.74 9.78 3.17
CA LEU B 66 -3.47 11.03 3.90
C LEU B 66 -4.26 11.11 5.19
N THR B 67 -5.43 10.47 5.24
CA THR B 67 -6.20 10.37 6.47
C THR B 67 -5.59 9.37 7.44
N ARG B 68 -4.68 8.55 6.95
CA ARG B 68 -4.11 7.50 7.85
C ARG B 68 -5.23 6.50 8.17
N TYR B 69 -6.35 6.59 7.46
CA TYR B 69 -7.49 5.66 7.62
C TYR B 69 -6.93 4.25 7.43
N THR B 70 -7.06 3.42 8.46
CA THR B 70 -6.46 2.07 8.42
C THR B 70 -7.30 0.94 7.79
N ARG B 71 -8.30 0.45 8.53
CA ARG B 71 -9.15 -0.68 8.08
C ARG B 71 -10.57 -0.13 8.03
N PRO B 72 -11.49 -0.77 7.29
CA PRO B 72 -12.88 -0.33 7.22
C PRO B 72 -13.64 -0.79 8.46
N THR B 73 -14.45 0.12 9.00
CA THR B 73 -15.32 -0.22 10.09
C THR B 73 -16.36 -1.23 9.63
N PRO B 74 -16.91 -2.04 10.55
CA PRO B 74 -17.91 -3.06 10.16
C PRO B 74 -18.99 -2.54 9.22
N VAL B 75 -19.52 -1.34 9.46
CA VAL B 75 -20.51 -0.78 8.56
C VAL B 75 -19.90 -0.46 7.20
N GLN B 76 -18.66 0.06 7.20
CA GLN B 76 -17.97 0.33 5.94
C GLN B 76 -17.73 -0.94 5.15
N LYS B 77 -17.50 -2.06 5.83
CA LYS B 77 -17.23 -3.32 5.15
C LYS B 77 -18.43 -3.78 4.32
N HIS B 78 -19.65 -3.45 4.76
CA HIS B 78 -20.85 -3.85 4.04
C HIS B 78 -21.45 -2.72 3.21
N ALA B 79 -21.42 -1.48 3.70
CA ALA B 79 -22.06 -0.39 2.97
C ALA B 79 -21.30 -0.06 1.69
N ILE B 80 -19.97 0.14 1.80
CA ILE B 80 -19.18 0.55 0.63
C ILE B 80 -19.39 -0.34 -0.57
N PRO B 81 -19.30 -1.67 -0.49
CA PRO B 81 -19.55 -2.49 -1.69
C PRO B 81 -20.98 -2.40 -2.18
N ILE B 82 -21.95 -2.17 -1.28
CA ILE B 82 -23.33 -1.98 -1.71
C ILE B 82 -23.47 -0.70 -2.51
N ILE B 83 -22.89 0.40 -2.01
CA ILE B 83 -23.01 1.69 -2.68
C ILE B 83 -22.34 1.65 -4.05
N LYS B 84 -21.20 0.97 -4.14
CA LYS B 84 -20.41 1.02 -5.38
C LYS B 84 -21.14 0.33 -6.54
N GLU B 85 -21.99 -0.65 -6.24
CA GLU B 85 -22.83 -1.27 -7.26
C GLU B 85 -24.13 -0.50 -7.48
N LYS B 86 -24.21 0.74 -7.01
CA LYS B 86 -25.38 1.60 -7.16
C LYS B 86 -26.67 0.89 -6.76
N ARG B 87 -26.64 0.30 -5.56
CA ARG B 87 -27.82 -0.28 -4.94
C ARG B 87 -28.24 0.58 -3.77
N ASP B 88 -29.54 0.83 -3.66
CA ASP B 88 -30.05 1.61 -2.55
C ASP B 88 -29.83 0.88 -1.23
N LEU B 89 -29.74 1.64 -0.14
CA LEU B 89 -29.35 1.08 1.15
C LEU B 89 -30.19 1.69 2.26
N MET B 90 -30.74 0.83 3.12
CA MET B 90 -31.36 1.23 4.37
C MET B 90 -30.48 0.65 5.49
N ALA B 91 -29.73 1.52 6.15
CA ALA B 91 -28.71 1.10 7.11
C ALA B 91 -29.09 1.61 8.50
N CYS B 92 -29.24 0.68 9.44
CA CYS B 92 -29.47 1.00 10.84
C CYS B 92 -28.11 0.98 11.52
N ALA B 93 -27.48 2.15 11.62
CA ALA B 93 -26.14 2.28 12.17
C ALA B 93 -26.06 3.51 13.05
N GLN B 94 -25.29 3.41 14.12
CA GLN B 94 -25.22 4.44 15.15
C GLN B 94 -24.08 5.41 14.89
N THR B 95 -24.22 6.62 15.46
CA THR B 95 -23.14 7.58 15.52
C THR B 95 -21.86 6.92 16.02
N GLY B 96 -20.82 6.94 15.19
CA GLY B 96 -19.54 6.37 15.53
C GLY B 96 -19.17 5.09 14.82
N SER B 97 -19.97 4.65 13.84
CA SER B 97 -19.71 3.42 13.11
C SER B 97 -18.97 3.66 11.80
N GLY B 98 -18.56 4.90 11.52
CA GLY B 98 -17.95 5.21 10.25
C GLY B 98 -18.93 5.38 9.12
N LYS B 99 -20.12 5.93 9.40
CA LYS B 99 -21.12 6.11 8.36
C LYS B 99 -20.65 7.06 7.28
N THR B 100 -19.99 8.15 7.67
CA THR B 100 -19.66 9.22 6.72
C THR B 100 -18.76 8.71 5.61
N ALA B 101 -17.63 8.08 5.97
CA ALA B 101 -16.77 7.49 4.96
C ALA B 101 -17.48 6.38 4.20
N ALA B 102 -18.46 5.73 4.83
CA ALA B 102 -19.12 4.59 4.21
C ALA B 102 -19.85 5.01 2.93
N PHE B 103 -20.45 6.19 2.91
CA PHE B 103 -21.10 6.66 1.69
C PHE B 103 -20.31 7.71 0.93
N LEU B 104 -19.47 8.50 1.61
CA LEU B 104 -18.75 9.56 0.91
C LEU B 104 -17.71 9.00 -0.06
N LEU B 105 -17.00 7.93 0.33
CA LEU B 105 -15.95 7.38 -0.53
C LEU B 105 -16.50 6.85 -1.85
N PRO B 106 -17.44 5.90 -1.87
CA PRO B 106 -17.92 5.38 -3.16
C PRO B 106 -18.65 6.42 -3.99
N ILE B 107 -19.37 7.36 -3.35
CA ILE B 107 -20.09 8.38 -4.11
C ILE B 107 -19.11 9.28 -4.85
N LEU B 108 -18.13 9.83 -4.13
CA LEU B 108 -17.12 10.68 -4.77
C LEU B 108 -16.32 9.89 -5.79
N SER B 109 -15.97 8.64 -5.47
CA SER B 109 -15.25 7.79 -6.41
C SER B 109 -15.99 7.70 -7.75
N GLN B 110 -17.30 7.47 -7.69
CA GLN B 110 -18.09 7.42 -8.91
C GLN B 110 -18.14 8.78 -9.60
N ILE B 111 -18.23 9.85 -8.82
CA ILE B 111 -18.30 11.19 -9.39
C ILE B 111 -17.00 11.51 -10.15
N TYR B 112 -15.86 11.12 -9.58
CA TYR B 112 -14.60 11.30 -10.29
C TYR B 112 -14.58 10.50 -11.58
N SER B 113 -15.06 9.26 -11.52
CA SER B 113 -14.98 8.36 -12.67
C SER B 113 -15.85 8.84 -13.82
N ASP B 114 -17.07 9.31 -13.52
CA ASP B 114 -17.99 9.75 -14.56
C ASP B 114 -17.77 11.21 -14.96
N GLY B 115 -17.27 12.04 -14.06
CA GLY B 115 -17.17 13.46 -14.32
C GLY B 115 -18.51 14.14 -14.12
N PRO B 116 -18.65 15.35 -14.70
CA PRO B 116 -19.84 16.16 -14.42
C PRO B 116 -21.04 15.92 -15.33
N GLY B 117 -20.90 15.16 -16.41
CA GLY B 117 -22.03 14.89 -17.29
C GLY B 117 -22.34 16.04 -18.23
N GLU B 118 -22.83 15.73 -19.43
CA GLU B 118 -22.94 16.71 -20.50
C GLU B 118 -23.88 17.88 -20.18
N ALA B 119 -24.72 17.76 -19.15
CA ALA B 119 -25.53 18.91 -18.75
C ALA B 119 -24.66 19.97 -18.10
N LEU B 120 -24.02 19.62 -16.97
CA LEU B 120 -23.08 20.52 -16.33
C LEU B 120 -21.81 20.75 -17.15
N ARG B 121 -21.51 19.91 -18.15
CA ARG B 121 -20.37 20.20 -19.03
C ARG B 121 -20.63 21.42 -19.90
N ALA B 122 -21.78 21.45 -20.55
CA ALA B 122 -22.16 22.58 -21.40
C ALA B 122 -22.86 23.68 -20.60
N MET B 123 -22.21 24.11 -19.52
CA MET B 123 -22.77 25.14 -18.65
C MET B 123 -21.65 26.01 -18.05
N LYS B 133 -26.90 30.04 -10.28
CA LYS B 133 -27.34 29.00 -9.36
C LYS B 133 -26.50 27.72 -9.54
N GLN B 134 -26.53 26.85 -8.53
CA GLN B 134 -25.70 25.66 -8.50
C GLN B 134 -26.55 24.40 -8.53
N TYR B 135 -26.00 23.36 -9.15
CA TYR B 135 -26.65 22.05 -9.27
C TYR B 135 -25.75 20.99 -8.66
N PRO B 136 -25.95 20.64 -7.39
CA PRO B 136 -25.10 19.61 -6.77
C PRO B 136 -25.41 18.23 -7.32
N ILE B 137 -24.35 17.47 -7.62
CA ILE B 137 -24.52 16.10 -8.05
C ILE B 137 -24.87 15.18 -6.88
N SER B 138 -24.58 15.61 -5.65
CA SER B 138 -24.79 14.79 -4.47
C SER B 138 -25.34 15.67 -3.34
N LEU B 139 -26.40 15.20 -2.68
CA LEU B 139 -27.02 15.92 -1.58
C LEU B 139 -27.06 15.03 -0.35
N VAL B 140 -26.40 15.49 0.72
CA VAL B 140 -26.40 14.81 2.02
C VAL B 140 -27.23 15.65 2.97
N LEU B 141 -28.25 15.03 3.56
CA LEU B 141 -29.14 15.72 4.49
C LEU B 141 -28.86 15.24 5.91
N ALA B 142 -28.63 16.20 6.81
CA ALA B 142 -28.31 15.93 8.20
C ALA B 142 -29.28 16.70 9.11
N PRO B 143 -29.56 16.16 10.30
CA PRO B 143 -30.52 16.83 11.19
C PRO B 143 -29.98 18.09 11.85
N THR B 144 -28.70 18.11 12.19
CA THR B 144 -28.14 19.17 13.03
C THR B 144 -26.98 19.87 12.33
N ARG B 145 -26.57 20.98 12.93
CA ARG B 145 -25.41 21.74 12.46
C ARG B 145 -24.10 21.04 12.78
N GLU B 146 -24.02 20.36 13.94
CA GLU B 146 -22.76 19.73 14.32
C GLU B 146 -22.45 18.51 13.44
N LEU B 147 -23.49 17.82 12.96
CA LEU B 147 -23.24 16.69 12.06
C LEU B 147 -23.04 17.12 10.62
N ALA B 148 -23.72 18.20 10.19
CA ALA B 148 -23.54 18.69 8.83
C ALA B 148 -22.10 19.15 8.60
N VAL B 149 -21.57 19.93 9.54
CA VAL B 149 -20.19 20.40 9.42
C VAL B 149 -19.22 19.23 9.47
N GLN B 150 -19.50 18.24 10.33
CA GLN B 150 -18.63 17.08 10.44
C GLN B 150 -18.56 16.32 9.11
N ILE B 151 -19.71 16.09 8.47
CA ILE B 151 -19.73 15.44 7.16
C ILE B 151 -19.00 16.29 6.14
N TYR B 152 -19.23 17.61 6.17
CA TYR B 152 -18.57 18.51 5.23
C TYR B 152 -17.06 18.44 5.35
N GLU B 153 -16.54 18.42 6.59
CA GLU B 153 -15.09 18.40 6.78
C GLU B 153 -14.47 17.12 6.25
N GLU B 154 -15.17 15.98 6.34
CA GLU B 154 -14.65 14.75 5.77
C GLU B 154 -14.74 14.76 4.25
N ALA B 155 -15.70 15.50 3.69
CA ALA B 155 -15.82 15.58 2.23
C ALA B 155 -14.65 16.35 1.63
N ARG B 156 -14.17 17.38 2.31
CA ARG B 156 -13.01 18.12 1.80
C ARG B 156 -11.75 17.26 1.82
N LYS B 157 -11.61 16.41 2.84
CA LYS B 157 -10.44 15.54 2.91
C LYS B 157 -10.42 14.53 1.76
N PHE B 158 -11.59 14.03 1.34
CA PHE B 158 -11.67 13.09 0.25
C PHE B 158 -11.82 13.74 -1.11
N SER B 159 -12.04 15.06 -1.17
CA SER B 159 -12.08 15.80 -2.42
C SER B 159 -10.82 16.64 -2.63
N TYR B 160 -9.81 16.46 -1.78
CA TYR B 160 -8.56 17.19 -1.92
C TYR B 160 -7.86 16.77 -3.21
N ARG B 161 -7.30 17.76 -3.90
CA ARG B 161 -6.67 17.59 -5.22
C ARG B 161 -7.66 17.11 -6.28
N SER B 162 -8.96 17.34 -6.07
CA SER B 162 -9.98 16.98 -7.04
C SER B 162 -10.69 18.23 -7.53
N ARG B 163 -11.42 18.08 -8.63
CA ARG B 163 -12.23 19.17 -9.17
C ARG B 163 -13.64 19.19 -8.59
N VAL B 164 -13.91 18.34 -7.60
CA VAL B 164 -15.22 18.29 -6.95
C VAL B 164 -15.18 19.16 -5.71
N ARG B 165 -16.11 20.10 -5.62
CA ARG B 165 -16.11 21.09 -4.55
C ARG B 165 -17.27 20.83 -3.61
N PRO B 166 -17.02 20.51 -2.35
CA PRO B 166 -18.10 20.34 -1.39
C PRO B 166 -18.52 21.67 -0.76
N CYS B 167 -19.79 21.73 -0.38
CA CYS B 167 -20.34 22.85 0.36
C CYS B 167 -21.16 22.33 1.53
N VAL B 168 -21.40 23.21 2.49
CA VAL B 168 -22.23 22.90 3.66
C VAL B 168 -23.15 24.07 3.91
N VAL B 169 -24.38 23.75 4.32
CA VAL B 169 -25.46 24.72 4.42
C VAL B 169 -26.34 24.32 5.60
N TYR B 170 -26.52 25.22 6.57
CA TYR B 170 -27.27 24.85 7.76
C TYR B 170 -27.91 26.07 8.40
N GLY B 171 -29.05 25.85 9.03
CA GLY B 171 -29.72 26.91 9.75
C GLY B 171 -28.97 27.30 11.00
N GLY B 172 -29.46 28.38 11.63
CA GLY B 172 -28.83 28.89 12.82
C GLY B 172 -27.58 29.70 12.58
N ALA B 173 -27.19 29.93 11.33
CA ALA B 173 -26.01 30.70 11.01
C ALA B 173 -26.34 31.70 9.90
N ASP B 174 -25.36 32.55 9.60
CA ASP B 174 -25.52 33.61 8.60
C ASP B 174 -25.74 33.03 7.20
N ILE B 175 -26.94 33.25 6.65
CA ILE B 175 -27.23 32.72 5.31
C ILE B 175 -26.43 33.47 4.26
N GLY B 176 -26.10 34.74 4.50
CA GLY B 176 -25.38 35.51 3.50
C GLY B 176 -24.03 34.93 3.15
N GLN B 177 -23.32 34.40 4.15
CA GLN B 177 -22.00 33.84 3.89
C GLN B 177 -22.10 32.48 3.20
N GLN B 178 -23.15 31.71 3.48
CA GLN B 178 -23.32 30.42 2.83
C GLN B 178 -23.64 30.59 1.34
N ILE B 179 -24.46 31.60 1.01
CA ILE B 179 -24.74 31.90 -0.39
C ILE B 179 -23.46 32.23 -1.13
N ARG B 180 -22.56 32.97 -0.48
CA ARG B 180 -21.29 33.35 -1.10
C ARG B 180 -20.39 32.14 -1.34
N ASP B 181 -20.49 31.12 -0.49
CA ASP B 181 -19.68 29.91 -0.69
C ASP B 181 -20.23 29.05 -1.82
N LEU B 182 -21.55 28.99 -1.96
CA LEU B 182 -22.16 28.17 -3.00
C LEU B 182 -21.75 28.63 -4.39
N GLU B 183 -21.70 29.95 -4.59
CA GLU B 183 -21.41 30.50 -5.92
C GLU B 183 -19.97 30.26 -6.35
N ARG B 184 -19.08 29.86 -5.44
CA ARG B 184 -17.75 29.40 -5.82
C ARG B 184 -17.78 27.96 -6.32
N GLY B 185 -18.97 27.38 -6.51
CA GLY B 185 -19.10 26.04 -7.04
C GLY B 185 -19.52 25.02 -6.00
N CYS B 186 -20.52 24.21 -6.33
CA CYS B 186 -21.01 23.17 -5.42
C CYS B 186 -21.40 21.94 -6.22
N HIS B 187 -20.68 20.85 -6.04
CA HIS B 187 -21.03 19.57 -6.63
C HIS B 187 -21.52 18.55 -5.61
N LEU B 188 -21.04 18.62 -4.37
CA LEU B 188 -21.54 17.82 -3.26
C LEU B 188 -22.03 18.77 -2.19
N LEU B 189 -23.31 18.66 -1.84
CA LEU B 189 -23.94 19.59 -0.90
C LEU B 189 -24.34 18.82 0.36
N VAL B 190 -23.86 19.32 1.51
CA VAL B 190 -24.33 18.88 2.82
C VAL B 190 -25.27 19.95 3.36
N ALA B 191 -26.40 19.54 3.92
CA ALA B 191 -27.37 20.53 4.34
C ALA B 191 -28.30 19.96 5.40
N THR B 192 -28.82 20.87 6.24
CA THR B 192 -29.97 20.63 7.10
C THR B 192 -31.24 20.98 6.35
N PRO B 193 -32.34 20.25 6.60
CA PRO B 193 -33.51 20.38 5.72
C PRO B 193 -34.06 21.79 5.61
N GLY B 194 -34.23 22.49 6.75
CA GLY B 194 -34.84 23.81 6.71
C GLY B 194 -34.05 24.82 5.91
N ARG B 195 -32.72 24.82 6.09
CA ARG B 195 -31.88 25.79 5.38
C ARG B 195 -31.77 25.47 3.90
N LEU B 196 -31.94 24.19 3.53
CA LEU B 196 -31.90 23.83 2.11
C LEU B 196 -33.16 24.28 1.39
N VAL B 197 -34.34 24.08 2.01
CA VAL B 197 -35.59 24.60 1.47
C VAL B 197 -35.46 26.08 1.16
N ASP B 198 -34.85 26.83 2.07
CA ASP B 198 -34.71 28.27 1.89
C ASP B 198 -33.86 28.60 0.66
N MET B 199 -32.83 27.80 0.39
CA MET B 199 -31.95 28.11 -0.73
C MET B 199 -32.60 27.80 -2.07
N MET B 200 -33.58 26.88 -2.11
CA MET B 200 -34.27 26.60 -3.36
C MET B 200 -35.38 27.58 -3.65
N GLU B 201 -36.10 28.04 -2.62
CA GLU B 201 -37.04 29.14 -2.82
C GLU B 201 -36.32 30.38 -3.34
N ARG B 202 -35.13 30.65 -2.81
CA ARG B 202 -34.31 31.76 -3.29
C ARG B 202 -33.66 31.46 -4.64
N GLY B 203 -33.93 30.30 -5.22
CA GLY B 203 -33.39 29.98 -6.53
C GLY B 203 -31.89 29.88 -6.58
N LYS B 204 -31.26 29.58 -5.44
CA LYS B 204 -29.81 29.44 -5.38
C LYS B 204 -29.35 28.00 -5.64
N ILE B 205 -30.25 27.02 -5.54
CA ILE B 205 -29.91 25.61 -5.68
C ILE B 205 -31.00 24.94 -6.52
N GLY B 206 -30.58 24.10 -7.46
CA GLY B 206 -31.49 23.23 -8.19
C GLY B 206 -31.05 21.79 -8.03
N LEU B 207 -32.03 20.89 -7.91
CA LEU B 207 -31.77 19.47 -7.68
C LEU B 207 -31.92 18.64 -8.96
N ASP B 208 -32.03 19.29 -10.12
CA ASP B 208 -32.33 18.57 -11.36
C ASP B 208 -31.25 17.55 -11.73
N PHE B 209 -30.05 17.66 -11.18
CA PHE B 209 -28.94 16.76 -11.50
C PHE B 209 -28.44 16.02 -10.27
N CYS B 210 -29.25 15.92 -9.22
CA CYS B 210 -28.84 15.29 -7.98
C CYS B 210 -28.95 13.77 -8.15
N LYS B 211 -27.83 13.14 -8.47
CA LYS B 211 -27.79 11.70 -8.71
C LYS B 211 -27.56 10.89 -7.43
N TYR B 212 -27.11 11.52 -6.36
CA TYR B 212 -26.82 10.82 -5.10
C TYR B 212 -27.50 11.56 -3.96
N LEU B 213 -28.35 10.85 -3.22
CA LEU B 213 -29.04 11.41 -2.06
C LEU B 213 -28.85 10.47 -0.89
N VAL B 214 -28.29 10.97 0.20
CA VAL B 214 -28.20 10.21 1.44
C VAL B 214 -28.89 10.99 2.55
N LEU B 215 -29.52 10.26 3.46
CA LEU B 215 -30.17 10.83 4.63
C LEU B 215 -29.49 10.26 5.86
N ASP B 216 -28.81 11.12 6.62
CA ASP B 216 -28.09 10.71 7.80
C ASP B 216 -28.92 11.00 9.05
N GLU B 217 -28.93 10.05 9.99
CA GLU B 217 -29.75 10.12 11.19
C GLU B 217 -31.20 10.49 10.83
N ALA B 218 -31.79 9.65 9.99
CA ALA B 218 -33.15 9.90 9.53
C ALA B 218 -34.13 9.91 10.69
N ASP B 219 -33.92 9.04 11.68
CA ASP B 219 -34.79 9.03 12.85
C ASP B 219 -34.75 10.37 13.58
N ARG B 220 -33.54 10.88 13.85
CA ARG B 220 -33.43 12.19 14.49
C ARG B 220 -34.04 13.28 13.62
N MET B 221 -33.83 13.21 12.30
CA MET B 221 -34.46 14.18 11.41
C MET B 221 -35.98 14.15 11.53
N LEU B 222 -36.55 12.96 11.71
CA LEU B 222 -37.99 12.86 11.96
C LEU B 222 -38.33 13.37 13.34
N ASP B 223 -37.57 12.95 14.36
CA ASP B 223 -37.81 13.40 15.73
C ASP B 223 -37.85 14.92 15.82
N MET B 224 -36.95 15.58 15.09
CA MET B 224 -36.87 17.04 15.14
C MET B 224 -37.91 17.72 14.26
N GLY B 225 -38.81 16.97 13.61
CA GLY B 225 -39.89 17.57 12.86
C GLY B 225 -39.52 18.03 11.46
N PHE B 226 -38.60 17.33 10.79
CA PHE B 226 -38.12 17.75 9.48
C PHE B 226 -38.79 17.02 8.33
N GLU B 227 -39.75 16.13 8.60
CA GLU B 227 -40.36 15.36 7.52
C GLU B 227 -41.00 16.25 6.45
N PRO B 228 -41.79 17.27 6.77
CA PRO B 228 -42.36 18.10 5.68
C PRO B 228 -41.30 18.71 4.78
N GLN B 229 -40.19 19.19 5.34
CA GLN B 229 -39.12 19.71 4.52
C GLN B 229 -38.48 18.62 3.67
N ILE B 230 -38.29 17.43 4.25
CA ILE B 230 -37.68 16.34 3.51
C ILE B 230 -38.57 15.89 2.35
N ARG B 231 -39.88 15.79 2.60
CA ARG B 231 -40.81 15.45 1.53
C ARG B 231 -40.85 16.55 0.47
N ARG B 232 -40.69 17.81 0.88
CA ARG B 232 -40.65 18.90 -0.08
C ARG B 232 -39.34 18.87 -0.89
N ILE B 233 -38.23 18.54 -0.24
CA ILE B 233 -36.95 18.44 -0.93
C ILE B 233 -36.96 17.30 -1.94
N VAL B 234 -37.47 16.14 -1.51
CA VAL B 234 -37.30 14.92 -2.28
C VAL B 234 -38.46 14.65 -3.25
N GLU B 235 -39.69 15.04 -2.90
CA GLU B 235 -40.85 14.61 -3.66
C GLU B 235 -41.57 15.72 -4.42
N GLN B 236 -41.60 16.95 -3.90
CA GLN B 236 -42.41 18.01 -4.48
C GLN B 236 -41.61 18.98 -5.34
N ASP B 237 -40.42 18.58 -5.78
CA ASP B 237 -39.52 19.46 -6.53
C ASP B 237 -38.83 18.67 -7.63
N THR B 238 -37.68 19.16 -8.09
CA THR B 238 -37.05 18.70 -9.32
C THR B 238 -36.05 17.56 -9.14
N MET B 239 -35.97 16.94 -7.96
CA MET B 239 -35.00 15.87 -7.77
C MET B 239 -35.41 14.62 -8.54
N PRO B 240 -34.47 13.94 -9.20
CA PRO B 240 -34.82 12.72 -9.91
C PRO B 240 -35.39 11.67 -8.94
N PRO B 241 -36.32 10.86 -9.41
CA PRO B 241 -36.98 9.92 -8.51
C PRO B 241 -36.11 8.71 -8.20
N LYS B 242 -36.57 7.93 -7.22
CA LYS B 242 -35.90 6.70 -6.85
C LYS B 242 -35.81 5.77 -8.06
N GLY B 243 -34.73 4.99 -8.12
CA GLY B 243 -34.40 4.19 -9.28
C GLY B 243 -33.55 4.94 -10.30
N VAL B 244 -33.69 6.25 -10.36
CA VAL B 244 -32.82 7.09 -11.20
C VAL B 244 -31.68 7.57 -10.33
N ARG B 245 -32.01 8.33 -9.28
CA ARG B 245 -31.01 8.69 -8.29
C ARG B 245 -30.69 7.48 -7.41
N HIS B 246 -29.52 7.54 -6.78
CA HIS B 246 -29.06 6.51 -5.86
C HIS B 246 -29.27 7.02 -4.44
N THR B 247 -30.06 6.31 -3.65
CA THR B 247 -30.49 6.79 -2.35
C THR B 247 -29.96 5.90 -1.22
N MET B 248 -29.51 6.55 -0.15
CA MET B 248 -29.01 5.88 1.05
C MET B 248 -29.67 6.50 2.26
N MET B 249 -30.15 5.67 3.18
CA MET B 249 -30.74 6.14 4.42
C MET B 249 -29.96 5.56 5.58
N PHE B 250 -29.62 6.42 6.55
CA PHE B 250 -28.92 6.02 7.75
C PHE B 250 -29.72 6.49 8.96
N SER B 251 -29.93 5.60 9.92
CA SER B 251 -30.67 5.95 11.12
C SER B 251 -30.25 5.02 12.24
N ALA B 252 -30.20 5.56 13.47
CA ALA B 252 -29.77 4.77 14.61
C ALA B 252 -30.83 3.77 15.04
N THR B 253 -32.10 4.14 14.97
CA THR B 253 -33.21 3.25 15.24
C THR B 253 -33.99 3.00 13.96
N PHE B 254 -34.80 1.94 13.96
CA PHE B 254 -35.61 1.56 12.80
C PHE B 254 -37.07 1.37 13.19
N PRO B 255 -37.75 2.43 13.61
CA PRO B 255 -39.20 2.33 13.84
C PRO B 255 -39.95 2.29 12.53
N LYS B 256 -41.25 2.03 12.61
CA LYS B 256 -42.06 1.89 11.41
C LYS B 256 -42.11 3.19 10.60
N GLU B 257 -42.01 4.34 11.27
CA GLU B 257 -41.93 5.61 10.56
C GLU B 257 -40.74 5.62 9.60
N ILE B 258 -39.59 5.12 10.05
CA ILE B 258 -38.41 5.06 9.19
C ILE B 258 -38.62 4.06 8.06
N GLN B 259 -39.25 2.93 8.36
CA GLN B 259 -39.47 1.92 7.32
C GLN B 259 -40.41 2.44 6.23
N MET B 260 -41.41 3.25 6.59
CA MET B 260 -42.34 3.75 5.58
C MET B 260 -41.67 4.82 4.72
N LEU B 261 -40.80 5.64 5.31
CA LEU B 261 -40.03 6.59 4.52
C LEU B 261 -39.08 5.85 3.58
N ALA B 262 -38.49 4.76 4.06
CA ALA B 262 -37.56 3.99 3.23
C ALA B 262 -38.29 3.37 2.03
N ARG B 263 -39.51 2.88 2.25
CA ARG B 263 -40.27 2.33 1.13
C ARG B 263 -40.74 3.42 0.18
N ASP B 264 -40.90 4.64 0.67
CA ASP B 264 -41.22 5.76 -0.21
C ASP B 264 -40.00 6.20 -1.02
N PHE B 265 -38.83 6.25 -0.39
CA PHE B 265 -37.66 6.90 -0.96
C PHE B 265 -36.69 5.93 -1.61
N LEU B 266 -36.61 4.69 -1.18
CA LEU B 266 -35.64 3.74 -1.69
C LEU B 266 -36.27 2.82 -2.73
N ASP B 267 -35.42 2.26 -3.58
CA ASP B 267 -35.86 1.39 -4.67
C ASP B 267 -34.98 0.15 -4.70
N GLU B 268 -35.62 -1.01 -4.49
CA GLU B 268 -34.93 -2.30 -4.59
C GLU B 268 -33.70 -2.34 -3.68
N TYR B 269 -33.87 -1.84 -2.46
CA TYR B 269 -32.76 -1.53 -1.58
C TYR B 269 -32.28 -2.76 -0.82
N ILE B 270 -31.13 -2.61 -0.18
CA ILE B 270 -30.57 -3.59 0.74
C ILE B 270 -30.81 -3.10 2.17
N PHE B 271 -31.28 -3.99 3.03
CA PHE B 271 -31.42 -3.68 4.44
C PHE B 271 -30.18 -4.17 5.19
N LEU B 272 -29.49 -3.24 5.85
CA LEU B 272 -28.27 -3.52 6.60
C LEU B 272 -28.52 -3.19 8.06
N ALA B 273 -28.29 -4.16 8.93
CA ALA B 273 -28.55 -3.98 10.36
C ALA B 273 -27.30 -4.29 11.16
N VAL B 274 -27.04 -3.46 12.17
CA VAL B 274 -25.91 -3.67 13.06
C VAL B 274 -26.39 -3.93 14.48
N GLU B 282 -24.44 -3.53 26.47
CA GLU B 282 -23.51 -4.33 27.25
C GLU B 282 -24.03 -4.58 28.67
N ASN B 283 -25.00 -5.48 28.74
CA ASN B 283 -25.50 -6.03 29.99
C ASN B 283 -24.72 -7.27 30.41
N ILE B 284 -23.44 -7.31 30.04
CA ILE B 284 -22.57 -8.47 30.25
C ILE B 284 -21.40 -8.01 31.11
N THR B 285 -21.20 -8.66 32.24
CA THR B 285 -20.00 -8.47 33.03
C THR B 285 -18.87 -9.27 32.40
N GLN B 286 -17.78 -8.60 32.05
CA GLN B 286 -16.66 -9.22 31.37
C GLN B 286 -15.44 -9.24 32.28
N LYS B 287 -14.89 -10.43 32.49
CA LYS B 287 -13.70 -10.62 33.32
C LYS B 287 -12.60 -11.27 32.49
N VAL B 288 -11.41 -10.68 32.53
CA VAL B 288 -10.23 -11.25 31.91
C VAL B 288 -9.24 -11.57 33.02
N VAL B 289 -8.71 -12.79 33.01
CA VAL B 289 -7.77 -13.23 34.03
C VAL B 289 -6.58 -13.91 33.36
N TRP B 290 -5.43 -13.83 34.03
CA TRP B 290 -4.21 -14.46 33.54
C TRP B 290 -4.22 -15.92 33.94
N VAL B 291 -4.16 -16.82 32.94
CA VAL B 291 -4.12 -18.25 33.18
C VAL B 291 -3.08 -18.86 32.26
N GLU B 292 -2.05 -19.48 32.84
CA GLU B 292 -1.10 -20.24 32.04
C GLU B 292 -1.76 -21.49 31.48
N GLU B 293 -1.24 -21.98 30.36
CA GLU B 293 -1.88 -23.08 29.64
C GLU B 293 -2.09 -24.30 30.53
N SER B 294 -1.07 -24.66 31.32
CA SER B 294 -1.16 -25.82 32.20
C SER B 294 -2.11 -25.62 33.37
N ASP B 295 -2.59 -24.39 33.60
CA ASP B 295 -3.52 -24.10 34.67
C ASP B 295 -4.97 -23.98 34.21
N LYS B 296 -5.21 -24.02 32.90
CA LYS B 296 -6.54 -23.71 32.38
C LYS B 296 -7.59 -24.71 32.85
N ARG B 297 -7.25 -26.00 32.84
CA ARG B 297 -8.21 -27.01 33.26
C ARG B 297 -8.54 -26.88 34.74
N SER B 298 -7.55 -26.53 35.56
CA SER B 298 -7.82 -26.30 36.98
C SER B 298 -8.67 -25.06 37.19
N PHE B 299 -8.37 -23.99 36.47
CA PHE B 299 -9.18 -22.78 36.57
C PHE B 299 -10.62 -23.02 36.12
N LEU B 300 -10.78 -23.83 35.08
CA LEU B 300 -12.13 -24.15 34.59
C LEU B 300 -12.91 -24.94 35.63
N LEU B 301 -12.27 -25.95 36.23
CA LEU B 301 -12.93 -26.74 37.26
C LEU B 301 -13.46 -25.87 38.39
N ASP B 302 -12.71 -24.83 38.76
CA ASP B 302 -13.15 -23.94 39.83
C ASP B 302 -14.33 -23.09 39.39
N LEU B 303 -14.39 -22.71 38.12
CA LEU B 303 -15.55 -21.97 37.63
C LEU B 303 -16.78 -22.85 37.55
N LEU B 304 -16.61 -24.10 37.13
CA LEU B 304 -17.75 -25.02 37.06
C LEU B 304 -18.27 -25.36 38.45
N ASN B 305 -17.37 -25.63 39.40
CA ASN B 305 -17.78 -25.99 40.75
C ASN B 305 -18.51 -24.87 41.46
N ALA B 306 -18.47 -23.63 40.94
CA ALA B 306 -19.19 -22.51 41.52
C ALA B 306 -20.42 -22.14 40.70
N THR B 307 -20.90 -23.05 39.85
CA THR B 307 -22.01 -22.78 38.94
C THR B 307 -23.30 -23.34 39.53
N GLY B 308 -24.38 -22.56 39.42
CA GLY B 308 -25.66 -22.89 40.02
C GLY B 308 -26.31 -24.15 39.47
N LYS B 309 -27.56 -24.38 39.89
CA LYS B 309 -28.25 -25.65 39.63
C LYS B 309 -28.39 -25.95 38.14
N ASP B 310 -29.13 -25.13 37.42
CA ASP B 310 -29.36 -25.33 35.98
C ASP B 310 -29.08 -24.04 35.20
N SER B 311 -27.90 -23.48 35.44
CA SER B 311 -27.34 -22.45 34.58
C SER B 311 -26.46 -23.12 33.52
N LEU B 312 -26.61 -22.66 32.28
CA LEU B 312 -25.88 -23.24 31.15
C LEU B 312 -24.56 -22.51 30.95
N THR B 313 -23.50 -23.27 30.71
CA THR B 313 -22.17 -22.73 30.53
C THR B 313 -21.65 -23.08 29.14
N LEU B 314 -21.14 -22.07 28.43
CA LEU B 314 -20.58 -22.21 27.11
C LEU B 314 -19.07 -22.07 27.21
N VAL B 315 -18.34 -23.13 26.85
CA VAL B 315 -16.89 -23.14 26.96
C VAL B 315 -16.31 -23.15 25.55
N PHE B 316 -15.64 -22.07 25.18
CA PHE B 316 -15.06 -21.91 23.85
C PHE B 316 -13.58 -22.26 23.87
N VAL B 317 -13.15 -23.08 22.90
CA VAL B 317 -11.76 -23.50 22.78
C VAL B 317 -11.32 -23.30 21.33
N GLU B 318 -10.01 -23.42 21.11
CA GLU B 318 -9.45 -23.02 19.81
C GLU B 318 -9.61 -24.10 18.76
N THR B 319 -9.29 -25.35 19.09
CA THR B 319 -9.17 -26.40 18.10
C THR B 319 -10.15 -27.54 18.38
N LYS B 320 -10.55 -28.25 17.31
CA LYS B 320 -11.45 -29.39 17.44
C LYS B 320 -10.90 -30.45 18.40
N LYS B 321 -9.60 -30.79 18.28
CA LYS B 321 -8.99 -31.76 19.19
C LYS B 321 -8.94 -31.20 20.61
N GLY B 322 -8.76 -29.89 20.74
CA GLY B 322 -8.90 -29.28 22.06
C GLY B 322 -10.27 -29.50 22.66
N ALA B 323 -11.32 -29.32 21.85
CA ALA B 323 -12.68 -29.56 22.34
C ALA B 323 -12.90 -31.02 22.69
N ASP B 324 -12.35 -31.94 21.89
CA ASP B 324 -12.47 -33.37 22.18
C ASP B 324 -11.76 -33.70 23.50
N SER B 325 -10.49 -33.29 23.63
CA SER B 325 -9.71 -33.61 24.81
C SER B 325 -10.32 -33.01 26.07
N LEU B 326 -10.95 -31.83 25.96
CA LEU B 326 -11.50 -31.16 27.13
C LEU B 326 -12.81 -31.79 27.58
N GLU B 327 -13.63 -32.27 26.64
CA GLU B 327 -14.87 -32.96 27.04
C GLU B 327 -14.58 -34.29 27.72
N ASP B 328 -13.53 -35.00 27.27
CA ASP B 328 -13.13 -36.22 27.93
C ASP B 328 -12.62 -35.95 29.35
N PHE B 329 -11.78 -34.92 29.49
CA PHE B 329 -11.30 -34.52 30.81
C PHE B 329 -12.45 -34.21 31.75
N LEU B 330 -13.38 -33.36 31.31
CA LEU B 330 -14.51 -32.97 32.15
C LEU B 330 -15.38 -34.17 32.51
N TYR B 331 -15.51 -35.14 31.60
CA TYR B 331 -16.27 -36.34 31.90
C TYR B 331 -15.57 -37.18 32.96
N HIS B 332 -14.26 -37.39 32.81
CA HIS B 332 -13.50 -38.17 33.76
C HIS B 332 -13.42 -37.50 35.13
N GLU B 333 -13.70 -36.20 35.22
CA GLU B 333 -13.75 -35.50 36.49
C GLU B 333 -15.17 -35.33 37.00
N GLY B 334 -16.15 -35.98 36.36
CA GLY B 334 -17.49 -36.05 36.89
C GLY B 334 -18.44 -34.95 36.49
N TYR B 335 -18.13 -34.19 35.44
CA TYR B 335 -18.98 -33.11 34.98
C TYR B 335 -19.77 -33.56 33.76
N ALA B 336 -21.09 -33.32 33.79
CA ALA B 336 -21.96 -33.65 32.67
C ALA B 336 -21.81 -32.55 31.62
N CYS B 337 -21.03 -32.82 30.59
CA CYS B 337 -20.75 -31.86 29.54
C CYS B 337 -20.94 -32.53 28.18
N THR B 338 -20.91 -31.72 27.13
CA THR B 338 -20.98 -32.20 25.76
C THR B 338 -20.12 -31.29 24.89
N SER B 339 -20.04 -31.63 23.61
CA SER B 339 -19.07 -30.98 22.72
C SER B 339 -19.68 -30.79 21.34
N ILE B 340 -19.13 -29.83 20.61
CA ILE B 340 -19.55 -29.55 19.24
C ILE B 340 -18.42 -28.81 18.54
N HIS B 341 -18.11 -29.24 17.31
CA HIS B 341 -17.13 -28.54 16.48
C HIS B 341 -17.42 -28.86 15.02
N GLY B 342 -16.56 -28.34 14.15
CA GLY B 342 -16.88 -28.31 12.72
C GLY B 342 -16.99 -29.67 12.07
N ASP B 343 -16.25 -30.65 12.57
CA ASP B 343 -16.28 -31.99 12.00
C ASP B 343 -17.39 -32.86 12.58
N ARG B 344 -18.26 -32.29 13.40
CA ARG B 344 -19.41 -33.02 13.89
C ARG B 344 -20.50 -33.06 12.84
N SER B 345 -21.07 -34.24 12.62
CA SER B 345 -22.22 -34.36 11.73
C SER B 345 -23.37 -33.53 12.28
N GLN B 346 -24.31 -33.20 11.40
CA GLN B 346 -25.50 -32.49 11.84
C GLN B 346 -26.26 -33.27 12.90
N ARG B 347 -26.20 -34.60 12.84
CA ARG B 347 -26.81 -35.42 13.88
C ARG B 347 -26.08 -35.29 15.20
N ASP B 348 -24.75 -35.40 15.18
CA ASP B 348 -23.96 -35.25 16.40
C ASP B 348 -24.18 -33.88 17.02
N ARG B 349 -24.30 -32.85 16.19
CA ARG B 349 -24.53 -31.50 16.71
C ARG B 349 -25.90 -31.41 17.39
N GLU B 350 -26.93 -32.03 16.81
CA GLU B 350 -28.25 -31.98 17.40
C GLU B 350 -28.29 -32.74 18.72
N GLU B 351 -27.57 -33.86 18.81
CA GLU B 351 -27.51 -34.60 20.08
C GLU B 351 -26.89 -33.74 21.17
N ALA B 352 -25.81 -33.02 20.85
CA ALA B 352 -25.18 -32.15 21.83
C ALA B 352 -26.09 -31.00 22.21
N LEU B 353 -26.74 -30.38 21.23
CA LEU B 353 -27.67 -29.29 21.53
C LEU B 353 -28.84 -29.77 22.37
N HIS B 354 -29.24 -31.03 22.21
CA HIS B 354 -30.32 -31.59 23.03
C HIS B 354 -29.89 -31.68 24.49
N GLN B 355 -28.78 -32.39 24.76
CA GLN B 355 -28.34 -32.53 26.15
C GLN B 355 -28.01 -31.19 26.78
N PHE B 356 -27.55 -30.23 25.98
CA PHE B 356 -27.20 -28.92 26.54
C PHE B 356 -28.44 -28.16 26.99
N ARG B 357 -29.43 -28.03 26.09
CA ARG B 357 -30.58 -27.20 26.40
C ARG B 357 -31.67 -27.95 27.18
N SER B 358 -31.57 -29.26 27.32
CA SER B 358 -32.41 -29.97 28.28
C SER B 358 -31.89 -29.85 29.72
N GLY B 359 -30.66 -29.39 29.91
CA GLY B 359 -30.05 -29.32 31.21
C GLY B 359 -29.34 -30.57 31.66
N LYS B 360 -29.43 -31.66 30.89
CA LYS B 360 -28.77 -32.91 31.27
C LYS B 360 -27.25 -32.75 31.25
N SER B 361 -26.72 -32.17 30.17
CA SER B 361 -25.30 -31.83 30.07
C SER B 361 -25.20 -30.32 29.94
N PRO B 362 -25.19 -29.58 31.05
CA PRO B 362 -25.27 -28.12 31.00
C PRO B 362 -23.96 -27.42 30.63
N ILE B 363 -22.92 -28.16 30.25
CA ILE B 363 -21.66 -27.57 29.80
C ILE B 363 -21.47 -27.95 28.34
N LEU B 364 -21.30 -26.94 27.48
CA LEU B 364 -21.08 -27.15 26.06
C LEU B 364 -19.70 -26.65 25.69
N VAL B 365 -18.85 -27.54 25.20
CA VAL B 365 -17.51 -27.20 24.74
C VAL B 365 -17.55 -27.07 23.23
N ALA B 366 -17.12 -25.92 22.71
CA ALA B 366 -17.30 -25.61 21.30
C ALA B 366 -16.10 -24.84 20.78
N THR B 367 -15.79 -25.07 19.50
CA THR B 367 -14.90 -24.18 18.75
C THR B 367 -15.72 -23.00 18.25
N ALA B 368 -15.17 -22.24 17.29
CA ALA B 368 -15.93 -21.15 16.67
C ALA B 368 -17.24 -21.61 16.06
N VAL B 369 -17.46 -22.93 15.96
CA VAL B 369 -18.68 -23.48 15.35
C VAL B 369 -19.95 -22.91 15.97
N ALA B 370 -19.89 -22.54 17.25
CA ALA B 370 -21.08 -22.11 17.98
C ALA B 370 -21.05 -20.63 18.34
N ALA B 371 -20.27 -19.83 17.63
CA ALA B 371 -20.28 -18.39 17.83
C ALA B 371 -21.34 -17.70 16.99
N ARG B 372 -21.79 -18.33 15.91
CA ARG B 372 -22.79 -17.75 15.02
C ARG B 372 -23.44 -18.82 14.16
N SER B 377 -29.20 -20.58 23.33
CA SER B 377 -29.58 -19.17 23.28
C SER B 377 -29.47 -18.52 24.67
N ASN B 378 -30.12 -19.14 25.65
CA ASN B 378 -30.19 -18.59 27.00
C ASN B 378 -29.05 -19.16 27.85
N VAL B 379 -27.84 -18.69 27.53
CA VAL B 379 -26.63 -19.14 28.20
C VAL B 379 -26.25 -18.13 29.27
N LYS B 380 -25.99 -18.62 30.48
CA LYS B 380 -25.70 -17.75 31.62
C LYS B 380 -24.23 -17.39 31.74
N HIS B 381 -23.33 -18.23 31.24
CA HIS B 381 -21.90 -18.02 31.45
C HIS B 381 -21.13 -18.49 30.23
N VAL B 382 -20.38 -17.57 29.62
CA VAL B 382 -19.47 -17.88 28.53
C VAL B 382 -18.06 -17.85 29.07
N ILE B 383 -17.33 -18.96 28.91
CA ILE B 383 -15.94 -19.05 29.33
C ILE B 383 -15.08 -19.16 28.08
N ASN B 384 -14.19 -18.18 27.88
CA ASN B 384 -13.18 -18.26 26.82
C ASN B 384 -11.98 -19.03 27.37
N PHE B 385 -12.13 -20.36 27.38
CA PHE B 385 -11.01 -21.24 27.75
C PHE B 385 -9.76 -20.89 26.93
N ASP B 386 -9.94 -20.64 25.64
CA ASP B 386 -8.91 -20.07 24.78
C ASP B 386 -9.47 -18.81 24.16
N LEU B 387 -8.75 -17.70 24.32
CA LEU B 387 -9.15 -16.48 23.64
C LEU B 387 -8.94 -16.65 22.13
N PRO B 388 -9.78 -16.01 21.31
CA PRO B 388 -9.61 -16.12 19.86
C PRO B 388 -8.49 -15.24 19.36
N SER B 389 -8.18 -15.39 18.07
CA SER B 389 -7.09 -14.64 17.46
C SER B 389 -7.53 -13.24 17.01
N ASP B 390 -8.82 -13.01 16.83
CA ASP B 390 -9.32 -11.71 16.39
C ASP B 390 -10.47 -11.27 17.28
N ILE B 391 -10.62 -9.94 17.39
CA ILE B 391 -11.59 -9.35 18.32
C ILE B 391 -13.03 -9.60 17.90
N GLU B 392 -13.29 -9.93 16.63
CA GLU B 392 -14.65 -10.17 16.16
C GLU B 392 -15.21 -11.49 16.65
N GLU B 393 -14.38 -12.53 16.69
CA GLU B 393 -14.84 -13.78 17.29
C GLU B 393 -15.16 -13.58 18.76
N TYR B 394 -14.41 -12.73 19.44
CA TYR B 394 -14.68 -12.44 20.85
C TYR B 394 -16.06 -11.82 21.02
N VAL B 395 -16.44 -10.91 20.12
CA VAL B 395 -17.77 -10.31 20.22
C VAL B 395 -18.85 -11.34 20.00
N HIS B 396 -18.77 -12.07 18.88
CA HIS B 396 -19.75 -13.12 18.59
C HIS B 396 -19.89 -14.09 19.75
N ARG B 397 -18.77 -14.45 20.37
CA ARG B 397 -18.78 -15.45 21.45
C ARG B 397 -19.55 -14.94 22.66
N ILE B 398 -19.17 -13.77 23.18
CA ILE B 398 -19.85 -13.26 24.37
C ILE B 398 -21.29 -12.87 24.08
N GLY B 399 -21.65 -12.73 22.80
CA GLY B 399 -23.02 -12.45 22.42
C GLY B 399 -24.01 -13.57 22.64
N ARG B 400 -23.53 -14.76 23.05
CA ARG B 400 -24.43 -15.86 23.38
C ARG B 400 -24.96 -15.77 24.81
N THR B 401 -24.36 -14.93 25.61
CA THR B 401 -24.81 -14.70 26.96
C THR B 401 -25.30 -13.28 27.08
N GLY B 402 -25.98 -12.97 28.17
CA GLY B 402 -26.50 -11.65 28.40
C GLY B 402 -27.50 -11.20 27.35
N ARG B 403 -28.32 -12.13 26.88
CA ARG B 403 -29.29 -11.83 25.86
C ARG B 403 -30.54 -11.28 26.48
N VAL B 404 -31.32 -10.60 25.64
CA VAL B 404 -32.59 -9.96 25.96
C VAL B 404 -32.94 -9.66 27.40
N GLY B 405 -32.25 -8.72 28.01
CA GLY B 405 -32.53 -8.34 29.38
C GLY B 405 -32.02 -9.23 30.50
N ASN B 406 -31.38 -10.34 30.17
CA ASN B 406 -30.85 -11.20 31.21
C ASN B 406 -29.48 -10.73 31.64
N LEU B 407 -28.96 -11.36 32.69
CA LEU B 407 -27.65 -11.00 33.18
C LEU B 407 -26.66 -12.04 32.71
N GLY B 408 -25.59 -11.57 32.10
CA GLY B 408 -24.61 -12.50 31.60
C GLY B 408 -23.22 -12.23 32.07
N LEU B 409 -22.47 -13.31 32.17
CA LEU B 409 -21.08 -13.27 32.62
C LEU B 409 -20.20 -13.88 31.53
N ALA B 410 -19.10 -13.20 31.21
CA ALA B 410 -18.12 -13.68 30.25
C ALA B 410 -16.75 -13.66 30.91
N THR B 411 -16.15 -14.84 31.06
CA THR B 411 -14.85 -15.01 31.70
C THR B 411 -13.86 -15.54 30.67
N SER B 412 -12.75 -14.84 30.49
CA SER B 412 -11.77 -15.18 29.46
C SER B 412 -10.43 -15.49 30.11
N PHE B 413 -9.79 -16.57 29.66
CA PHE B 413 -8.43 -16.90 30.10
C PHE B 413 -7.43 -16.30 29.13
N PHE B 414 -6.37 -15.71 29.68
CA PHE B 414 -5.41 -14.92 28.92
C PHE B 414 -4.00 -15.32 29.33
N ASN B 415 -3.12 -15.45 28.35
CA ASN B 415 -1.69 -15.54 28.64
C ASN B 415 -0.92 -15.01 27.43
N GLU B 416 0.37 -15.32 27.37
CA GLU B 416 1.24 -14.83 26.30
C GLU B 416 0.77 -15.29 24.93
N ARG B 417 0.03 -16.38 24.85
CA ARG B 417 -0.39 -16.72 23.50
C ARG B 417 -1.45 -15.76 22.96
N ASN B 418 -1.89 -14.76 23.73
CA ASN B 418 -2.96 -13.87 23.34
C ASN B 418 -2.56 -12.40 23.21
N ILE B 419 -1.26 -12.08 23.16
CA ILE B 419 -0.92 -10.67 23.05
C ILE B 419 -1.42 -10.08 21.74
N ASN B 420 -1.63 -10.92 20.72
CA ASN B 420 -2.13 -10.43 19.44
C ASN B 420 -3.48 -9.72 19.56
N ILE B 421 -4.20 -9.90 20.66
CA ILE B 421 -5.49 -9.24 20.88
C ILE B 421 -5.48 -8.33 22.11
N THR B 422 -4.30 -8.06 22.68
CA THR B 422 -4.22 -7.20 23.86
C THR B 422 -4.87 -5.86 23.62
N LYS B 423 -4.48 -5.19 22.54
CA LYS B 423 -4.89 -3.81 22.31
C LYS B 423 -6.38 -3.71 21.99
N ASP B 424 -6.90 -4.64 21.20
CA ASP B 424 -8.31 -4.58 20.82
C ASP B 424 -9.21 -5.01 21.96
N LEU B 425 -8.77 -5.95 22.79
CA LEU B 425 -9.57 -6.37 23.94
C LEU B 425 -9.55 -5.30 25.02
N LEU B 426 -8.40 -4.65 25.23
CA LEU B 426 -8.35 -3.55 26.19
C LEU B 426 -9.26 -2.42 25.76
N ASP B 427 -9.21 -2.03 24.49
CA ASP B 427 -10.09 -0.99 23.97
C ASP B 427 -11.56 -1.35 24.14
N LEU B 428 -11.89 -2.63 23.96
CA LEU B 428 -13.27 -3.07 24.09
C LEU B 428 -13.73 -3.00 25.54
N LEU B 429 -12.90 -3.50 26.47
CA LEU B 429 -13.25 -3.46 27.88
C LEU B 429 -13.45 -2.03 28.36
N VAL B 430 -12.66 -1.10 27.84
CA VAL B 430 -12.81 0.29 28.22
C VAL B 430 -14.14 0.85 27.72
N GLU B 431 -14.45 0.61 26.44
CA GLU B 431 -15.73 1.07 25.89
C GLU B 431 -16.91 0.44 26.63
N ALA B 432 -16.78 -0.83 27.02
CA ALA B 432 -17.85 -1.52 27.72
C ALA B 432 -17.96 -1.10 29.19
N LYS B 433 -17.15 -0.14 29.64
CA LYS B 433 -17.12 0.29 31.03
C LYS B 433 -17.01 -0.91 31.98
N GLN B 434 -16.16 -1.86 31.59
CA GLN B 434 -15.82 -3.02 32.39
C GLN B 434 -14.53 -2.74 33.15
N GLU B 435 -14.30 -3.52 34.21
CA GLU B 435 -13.06 -3.40 34.94
C GLU B 435 -11.91 -3.91 34.08
N VAL B 436 -10.87 -3.12 33.96
CA VAL B 436 -9.70 -3.44 33.15
C VAL B 436 -8.59 -3.91 34.10
N PRO B 437 -8.05 -5.10 33.91
CA PRO B 437 -6.92 -5.53 34.74
C PRO B 437 -5.72 -4.61 34.54
N SER B 438 -5.20 -4.07 35.65
CA SER B 438 -4.11 -3.11 35.58
C SER B 438 -2.90 -3.68 34.83
N TRP B 439 -2.68 -4.99 34.92
CA TRP B 439 -1.58 -5.61 34.19
C TRP B 439 -1.85 -5.68 32.69
N LEU B 440 -3.10 -5.55 32.27
CA LEU B 440 -3.43 -5.68 30.85
C LEU B 440 -3.08 -4.40 30.07
N GLU B 441 -3.47 -3.24 30.61
CA GLU B 441 -3.02 -1.99 29.99
C GLU B 441 -1.51 -1.81 30.11
N ASN B 442 -0.89 -2.50 31.07
CA ASN B 442 0.57 -2.47 31.17
C ASN B 442 1.23 -3.25 30.04
N MET B 443 0.62 -4.35 29.60
CA MET B 443 1.19 -5.13 28.52
C MET B 443 0.86 -4.53 27.15
N ALA B 444 -0.26 -3.81 27.04
CA ALA B 444 -0.54 -3.06 25.83
C ALA B 444 0.52 -1.99 25.60
N TYR B 445 0.83 -1.23 26.64
CA TYR B 445 1.92 -0.26 26.56
C TYR B 445 3.22 -0.91 26.15
N GLU B 446 3.59 -2.00 26.84
CA GLU B 446 4.89 -2.61 26.65
C GLU B 446 5.06 -3.24 25.28
N HIS B 447 3.96 -3.58 24.61
CA HIS B 447 4.04 -4.18 23.28
C HIS B 447 3.78 -3.17 22.16
N HIS B 448 2.68 -2.44 22.24
CA HIS B 448 2.29 -1.51 21.18
C HIS B 448 2.86 -0.11 21.38
N TYR B 449 2.61 0.47 22.56
CA TYR B 449 2.78 1.90 22.85
C TYR B 449 1.70 2.70 22.12
CL CL E . 16.68 -7.29 -36.95
CL CL F . 37.51 24.03 10.30
CL CL G . 3.94 6.88 -34.74
CL CL H . 18.06 -4.93 -16.79
CL CL I . -32.37 23.71 8.94
CL CL J . -28.60 19.22 -9.22
CL CL K . -26.03 -36.24 10.28
#